data_4M56
#
_entry.id   4M56
#
_cell.length_a   61.650
_cell.length_b   100.260
_cell.length_c   101.490
_cell.angle_alpha   90.00
_cell.angle_beta   103.28
_cell.angle_gamma   90.00
#
_symmetry.space_group_name_H-M   'P 1 21 1'
#
loop_
_entity.id
_entity.type
_entity.pdbx_description
1 polymer 'Oligo-1,6-glucosidase 1'
2 non-polymer D-glucose
3 non-polymer GLYCEROL
4 non-polymer 'SULFATE ION'
5 water water
#
_entity_poly.entity_id   1
_entity_poly.type   'polypeptide(L)'
_entity_poly.pdbx_seq_one_letter_code
;MSEWWKEAVVYQIYPRSFYDANGDGFGDLQGVIQKLDYIKNLGADVIWLSPVFDSPQDDNGYDISDYKNMYEKFGTNEDM
FQLIDEVHKRGMKIVMDLVVNHTSDEHAWFAESRKSKDNPYRDYYLWKDPKPDGSEPNNWGSIFSGSAWTYDEGTGQYYL
HYFSKKQPDLNWENEAVRREVYDVMRFWMDRGVDGWRMDVIGSISKYTDFPDYETDHSRSYIVGRYHSNGPRLHEFIQEM
NREVLSHYDCMTVGEANGSDIEEAKKYTDASRQELNMIFTFEHMDIDKEQNSPNGKWQIKPFDLIALKKTMTRWQTGLMN
VGWNTLYFENHDQPRVISRWGNDRKLRKECAKAFATVLHGMKGTPFIYQGEEIGMVNSDMPLEMYDDLEIKNAYRELVVE
NKTMSEKEFVKAVMIKGRDHARTPMQWDAGKHAGFTAGDPWIPVNSRYQDINVKESLEDQDSIFFYYQKLIQLRKQYKIM
IYGDYQLLQENDPQVFSYLREYRGEKLLVVVNLSEEKALFEAPPELIHERWKVLISNYPQERADLKSISLKPYEAVMGIS
I
;
_entity_poly.pdbx_strand_id   A,B
#
# COMPACT_ATOMS: atom_id res chain seq x y z
N GLU A 3 -0.13 33.65 4.91
CA GLU A 3 -0.84 33.11 3.69
C GLU A 3 -0.64 34.00 2.48
N TRP A 4 0.54 34.61 2.41
CA TRP A 4 0.93 35.42 1.27
C TRP A 4 0.94 34.62 -0.04
N TRP A 5 1.06 33.29 0.09
CA TRP A 5 1.15 32.43 -1.06
C TRP A 5 -0.19 32.27 -1.76
N LYS A 6 -1.29 32.62 -1.08
CA LYS A 6 -2.61 32.63 -1.71
C LYS A 6 -2.73 33.78 -2.69
N GLU A 7 -2.07 34.89 -2.36
CA GLU A 7 -2.16 36.11 -3.16
C GLU A 7 -0.99 36.29 -4.12
N ALA A 8 -0.10 35.32 -4.16
CA ALA A 8 1.06 35.39 -5.04
C ALA A 8 0.73 35.07 -6.50
N VAL A 9 1.56 35.60 -7.39
CA VAL A 9 1.66 35.13 -8.77
C VAL A 9 3.09 34.65 -8.94
N VAL A 10 3.23 33.42 -9.42
CA VAL A 10 4.52 32.75 -9.51
C VAL A 10 4.99 32.75 -10.95
N TYR A 11 6.26 33.10 -11.13
CA TYR A 11 6.88 33.06 -12.44
C TYR A 11 7.86 31.90 -12.41
N GLN A 12 7.68 30.95 -13.33
CA GLN A 12 8.61 29.80 -13.39
C GLN A 12 9.73 30.06 -14.38
N ILE A 13 10.96 30.05 -13.85
CA ILE A 13 12.18 30.12 -14.67
C ILE A 13 12.76 28.72 -14.86
N TYR A 14 13.04 28.38 -16.12
CA TYR A 14 13.82 27.23 -16.54
C TYR A 14 15.18 27.77 -16.87
N PRO A 15 16.08 27.85 -15.86
CA PRO A 15 17.23 28.77 -15.95
C PRO A 15 18.25 28.52 -17.08
N ARG A 16 18.41 27.28 -17.54
CA ARG A 16 19.32 27.04 -18.66
C ARG A 16 18.79 27.62 -19.96
N SER A 17 17.54 28.06 -20.01
CA SER A 17 16.98 28.67 -21.23
C SER A 17 16.41 30.08 -21.04
N PHE A 18 16.78 30.73 -19.94
CA PHE A 18 16.28 32.07 -19.61
C PHE A 18 17.23 33.16 -20.10
N TYR A 19 18.39 33.30 -19.49
CA TYR A 19 19.31 34.32 -19.93
C TYR A 19 20.78 34.00 -19.71
N ASP A 20 21.55 34.00 -20.80
CA ASP A 20 22.97 33.72 -20.72
C ASP A 20 23.73 35.02 -20.49
N ALA A 21 24.08 35.28 -19.22
CA ALA A 21 24.92 36.45 -18.89
C ALA A 21 26.40 36.25 -19.19
N ASN A 22 26.90 35.02 -19.07
CA ASN A 22 28.34 34.79 -19.12
C ASN A 22 28.88 34.56 -20.54
N GLY A 23 28.01 34.22 -21.49
CA GLY A 23 28.40 34.13 -22.90
C GLY A 23 28.90 32.76 -23.31
N ASP A 24 28.51 31.74 -22.55
CA ASP A 24 28.77 30.34 -22.85
C ASP A 24 27.62 29.60 -23.56
N GLY A 25 26.52 30.27 -23.90
CA GLY A 25 25.38 29.64 -24.61
C GLY A 25 24.44 28.91 -23.67
N PHE A 26 24.73 29.04 -22.39
CA PHE A 26 23.95 28.33 -21.36
C PHE A 26 23.38 29.38 -20.39
N GLY A 27 22.06 29.35 -20.19
CA GLY A 27 21.41 30.23 -19.20
C GLY A 27 22.04 30.07 -17.80
N ASP A 28 22.28 31.16 -17.11
CA ASP A 28 23.00 31.06 -15.84
C ASP A 28 22.34 31.86 -14.74
N LEU A 29 22.83 31.70 -13.52
CA LEU A 29 22.29 32.43 -12.37
C LEU A 29 22.48 33.94 -12.47
N GLN A 30 23.64 34.39 -12.98
CA GLN A 30 23.83 35.82 -13.17
C GLN A 30 22.84 36.35 -14.19
N GLY A 31 22.46 35.54 -15.18
CA GLY A 31 21.44 35.92 -16.13
C GLY A 31 20.09 36.14 -15.50
N VAL A 32 19.75 35.28 -14.55
CA VAL A 32 18.51 35.40 -13.83
C VAL A 32 18.52 36.70 -13.03
N ILE A 33 19.64 36.97 -12.36
CA ILE A 33 19.77 38.19 -11.55
C ILE A 33 19.55 39.45 -12.40
N GLN A 34 20.15 39.47 -13.59
CA GLN A 34 19.94 40.58 -14.51
C GLN A 34 18.49 40.77 -14.98
N LYS A 35 17.67 39.72 -14.92
CA LYS A 35 16.31 39.79 -15.39
C LYS A 35 15.24 39.86 -14.26
N LEU A 36 15.68 40.04 -13.03
CA LEU A 36 14.76 40.20 -11.91
C LEU A 36 13.89 41.43 -12.09
N ASP A 37 14.48 42.56 -12.45
CA ASP A 37 13.68 43.76 -12.74
C ASP A 37 12.55 43.52 -13.74
N TYR A 38 12.81 42.71 -14.75
CA TYR A 38 11.81 42.43 -15.78
C TYR A 38 10.64 41.63 -15.22
N ILE A 39 10.95 40.63 -14.37
CA ILE A 39 9.93 39.81 -13.73
C ILE A 39 9.07 40.62 -12.77
N LYS A 40 9.71 41.41 -11.91
CA LYS A 40 8.99 42.34 -11.07
C LYS A 40 8.08 43.28 -11.90
N ASN A 41 8.60 43.82 -13.00
CA ASN A 41 7.79 44.66 -13.89
C ASN A 41 6.54 43.97 -14.42
N LEU A 42 6.67 42.68 -14.73
CA LEU A 42 5.52 41.88 -15.15
C LEU A 42 4.52 41.83 -13.99
N GLY A 43 5.04 41.66 -12.77
CA GLY A 43 4.22 41.70 -11.56
C GLY A 43 4.29 40.47 -10.67
N ALA A 44 4.90 39.38 -11.14
CA ALA A 44 5.09 38.21 -10.29
C ALA A 44 5.90 38.54 -9.01
N ASP A 45 5.52 37.99 -7.86
CA ASP A 45 6.20 38.29 -6.58
C ASP A 45 6.87 37.05 -5.99
N VAL A 46 6.74 35.93 -6.71
CA VAL A 46 7.46 34.71 -6.43
C VAL A 46 8.04 34.09 -7.69
N ILE A 47 9.29 33.66 -7.62
CA ILE A 47 9.95 32.97 -8.71
CA ILE A 47 9.95 32.97 -8.72
C ILE A 47 10.21 31.54 -8.26
N TRP A 48 9.84 30.58 -9.09
CA TRP A 48 10.23 29.19 -8.89
C TRP A 48 11.25 28.90 -9.97
N LEU A 49 12.38 28.38 -9.53
CA LEU A 49 13.50 28.12 -10.38
C LEU A 49 13.63 26.60 -10.55
N SER A 50 13.52 26.13 -11.79
CA SER A 50 13.85 24.75 -12.08
C SER A 50 15.27 24.47 -11.53
N PRO A 51 15.63 23.18 -11.32
CA PRO A 51 16.81 22.80 -10.52
C PRO A 51 18.15 23.12 -11.17
N VAL A 52 18.97 23.80 -10.37
CA VAL A 52 20.28 24.29 -10.74
C VAL A 52 21.37 23.58 -9.93
N PHE A 53 20.97 22.57 -9.16
CA PHE A 53 21.93 21.75 -8.38
C PHE A 53 22.78 20.90 -9.30
N ASP A 54 23.92 20.45 -8.81
CA ASP A 54 24.85 19.67 -9.61
C ASP A 54 24.16 18.42 -10.17
N SER A 55 24.46 18.11 -11.42
CA SER A 55 23.73 17.11 -12.15
C SER A 55 24.41 16.81 -13.47
N PRO A 56 24.49 15.52 -13.84
CA PRO A 56 25.00 15.17 -15.18
C PRO A 56 24.03 15.53 -16.29
N GLN A 57 22.87 16.05 -15.96
CA GLN A 57 21.93 16.60 -16.91
C GLN A 57 21.31 15.54 -17.84
N ASP A 58 21.23 14.29 -17.40
CA ASP A 58 20.49 13.26 -18.14
C ASP A 58 19.03 13.75 -18.32
N ASP A 59 18.50 14.31 -17.26
CA ASP A 59 17.17 14.93 -17.30
C ASP A 59 17.24 16.43 -16.90
N ASN A 60 18.26 17.13 -17.42
CA ASN A 60 18.37 18.61 -17.33
C ASN A 60 18.01 19.13 -15.96
N GLY A 61 18.72 18.61 -14.99
CA GLY A 61 18.69 19.14 -13.62
C GLY A 61 17.96 18.26 -12.65
N TYR A 62 17.02 17.46 -13.17
CA TYR A 62 16.13 16.65 -12.32
C TYR A 62 16.77 15.30 -11.95
N ASP A 63 18.06 15.13 -12.31
CA ASP A 63 18.87 14.01 -11.88
C ASP A 63 20.05 14.61 -11.12
N ILE A 64 19.86 14.81 -9.82
CA ILE A 64 20.81 15.55 -8.99
C ILE A 64 21.91 14.68 -8.42
N SER A 65 23.15 15.15 -8.55
CA SER A 65 24.29 14.44 -7.96
C SER A 65 24.84 15.12 -6.72
N ASP A 66 24.46 16.37 -6.48
CA ASP A 66 24.80 17.05 -5.25
C ASP A 66 23.72 18.07 -4.94
N TYR A 67 23.00 17.89 -3.83
CA TYR A 67 21.96 18.84 -3.39
C TYR A 67 22.51 20.14 -2.77
N LYS A 68 23.81 20.20 -2.43
CA LYS A 68 24.34 21.41 -1.76
C LYS A 68 25.38 22.22 -2.56
N ASN A 69 25.43 22.02 -3.87
CA ASN A 69 26.26 22.83 -4.75
C ASN A 69 25.57 22.96 -6.08
N MET A 70 25.94 24.03 -6.79
CA MET A 70 25.35 24.33 -8.09
C MET A 70 26.10 23.54 -9.13
N TYR A 71 25.42 23.21 -10.22
CA TYR A 71 26.07 22.72 -11.39
C TYR A 71 26.92 23.84 -11.93
N GLU A 72 28.11 23.49 -12.40
CA GLU A 72 29.14 24.46 -12.87
C GLU A 72 28.59 25.46 -13.87
N LYS A 73 27.82 25.01 -14.85
CA LYS A 73 27.34 25.92 -15.90
C LYS A 73 26.36 26.98 -15.42
N PHE A 74 25.70 26.76 -14.30
CA PHE A 74 24.83 27.82 -13.74
C PHE A 74 25.62 28.86 -12.92
N GLY A 75 26.75 28.43 -12.39
CA GLY A 75 27.60 29.32 -11.61
C GLY A 75 27.94 28.62 -10.33
N THR A 76 28.34 29.40 -9.32
CA THR A 76 28.72 28.85 -8.03
C THR A 76 27.66 29.06 -6.97
N ASN A 77 27.92 28.59 -5.76
CA ASN A 77 27.04 28.90 -4.66
C ASN A 77 26.97 30.42 -4.33
N GLU A 78 28.10 31.13 -4.44
CA GLU A 78 28.13 32.56 -4.28
C GLU A 78 27.15 33.23 -5.24
N ASP A 79 26.91 32.67 -6.43
CA ASP A 79 25.89 33.26 -7.35
C ASP A 79 24.48 32.99 -6.86
N MET A 80 24.29 31.82 -6.28
CA MET A 80 22.98 31.43 -5.80
C MET A 80 22.57 32.30 -4.61
N PHE A 81 23.45 32.42 -3.62
CA PHE A 81 23.17 33.25 -2.45
C PHE A 81 22.89 34.70 -2.90
N GLN A 82 23.59 35.14 -3.94
CA GLN A 82 23.37 36.47 -4.50
C GLN A 82 21.99 36.53 -5.18
N LEU A 83 21.59 35.48 -5.89
CA LEU A 83 20.27 35.46 -6.50
C LEU A 83 19.21 35.60 -5.41
N ILE A 84 19.42 34.87 -4.31
CA ILE A 84 18.53 34.94 -3.16
C ILE A 84 18.42 36.38 -2.56
N ASP A 85 19.55 37.02 -2.29
CA ASP A 85 19.54 38.39 -1.83
C ASP A 85 18.93 39.39 -2.81
N GLU A 86 19.24 39.24 -4.11
CA GLU A 86 18.68 40.12 -5.15
C GLU A 86 17.16 39.99 -5.31
N VAL A 87 16.64 38.78 -5.13
CA VAL A 87 15.22 38.52 -5.09
C VAL A 87 14.52 39.18 -3.88
N HIS A 88 15.11 39.00 -2.70
CA HIS A 88 14.58 39.58 -1.49
C HIS A 88 14.67 41.08 -1.50
N LYS A 89 15.70 41.61 -2.15
CA LYS A 89 15.88 43.06 -2.23
C LYS A 89 14.69 43.71 -2.92
N ARG A 90 14.17 43.00 -3.90
CA ARG A 90 13.08 43.50 -4.71
C ARG A 90 11.73 43.06 -4.16
N GLY A 91 11.70 42.57 -2.92
CA GLY A 91 10.45 42.21 -2.26
C GLY A 91 9.84 40.94 -2.87
N MET A 92 10.66 40.10 -3.45
CA MET A 92 10.15 38.92 -4.09
C MET A 92 10.55 37.72 -3.25
N LYS A 93 9.99 36.57 -3.60
CA LYS A 93 10.31 35.31 -2.95
C LYS A 93 10.83 34.35 -3.98
N ILE A 94 11.66 33.44 -3.50
CA ILE A 94 12.27 32.43 -4.37
C ILE A 94 11.95 31.03 -3.88
N VAL A 95 11.41 30.24 -4.80
CA VAL A 95 11.01 28.84 -4.57
C VAL A 95 11.94 27.93 -5.41
N MET A 96 12.63 27.01 -4.72
CA MET A 96 13.51 26.08 -5.41
C MET A 96 12.79 24.79 -5.67
N ASP A 97 13.31 23.98 -6.59
CA ASP A 97 12.70 22.70 -6.97
C ASP A 97 13.32 21.60 -6.12
N LEU A 98 12.49 20.96 -5.28
CA LEU A 98 12.93 19.84 -4.43
C LEU A 98 12.64 18.54 -5.17
N VAL A 99 13.72 17.83 -5.52
CA VAL A 99 13.65 16.62 -6.34
C VAL A 99 14.18 15.43 -5.52
N VAL A 100 13.28 14.78 -4.78
CA VAL A 100 13.71 13.82 -3.80
C VAL A 100 13.02 12.47 -3.91
N ASN A 101 12.28 12.26 -4.99
CA ASN A 101 11.84 10.93 -5.34
C ASN A 101 12.99 10.06 -5.79
N HIS A 102 13.96 10.71 -6.44
CA HIS A 102 15.14 10.08 -6.99
C HIS A 102 16.34 10.99 -6.97
N THR A 103 17.50 10.40 -7.11
CA THR A 103 18.74 11.15 -7.31
C THR A 103 19.35 10.67 -8.63
N SER A 104 20.44 11.32 -9.04
CA SER A 104 21.29 10.83 -10.14
C SER A 104 22.01 9.60 -9.70
N ASP A 105 22.24 8.68 -10.62
CA ASP A 105 23.05 7.51 -10.28
C ASP A 105 24.49 7.91 -10.02
N GLU A 106 24.86 9.15 -10.36
CA GLU A 106 26.15 9.68 -10.02
C GLU A 106 26.16 10.42 -8.71
N HIS A 107 25.07 10.38 -7.94
CA HIS A 107 25.13 10.88 -6.58
C HIS A 107 26.11 10.03 -5.76
N ALA A 108 26.82 10.65 -4.82
CA ALA A 108 27.73 9.89 -3.92
C ALA A 108 27.04 8.72 -3.22
N TRP A 109 25.82 8.95 -2.75
CA TRP A 109 24.99 7.91 -2.09
C TRP A 109 24.77 6.66 -2.96
N PHE A 110 24.43 6.85 -4.24
CA PHE A 110 24.19 5.74 -5.13
C PHE A 110 25.47 5.07 -5.54
N ALA A 111 26.55 5.84 -5.69
CA ALA A 111 27.85 5.24 -6.04
C ALA A 111 28.29 4.23 -4.99
N GLU A 112 27.99 4.49 -3.73
CA GLU A 112 28.29 3.53 -2.66
C GLU A 112 27.26 2.42 -2.67
N SER A 113 25.98 2.81 -2.62
CA SER A 113 24.85 1.87 -2.66
C SER A 113 24.99 0.74 -3.71
N ARG A 114 25.49 1.06 -4.90
CA ARG A 114 25.61 0.02 -5.94
C ARG A 114 26.78 -0.98 -5.69
N LYS A 115 27.69 -0.67 -4.78
CA LYS A 115 28.94 -1.41 -4.61
C LYS A 115 28.73 -2.81 -4.07
N SER A 116 27.94 -2.93 -3.02
CA SER A 116 27.60 -4.23 -2.49
C SER A 116 26.37 -4.15 -1.60
N LYS A 117 25.81 -5.32 -1.32
CA LYS A 117 24.65 -5.46 -0.44
C LYS A 117 24.99 -5.05 0.97
N ASP A 118 26.25 -5.21 1.37
CA ASP A 118 26.65 -4.84 2.74
C ASP A 118 27.21 -3.41 2.89
N ASN A 119 27.16 -2.61 1.81
CA ASN A 119 27.54 -1.18 1.87
C ASN A 119 26.54 -0.32 2.72
N PRO A 120 27.06 0.58 3.60
CA PRO A 120 26.18 1.38 4.49
C PRO A 120 25.04 2.10 3.77
N TYR A 121 25.26 2.48 2.52
CA TYR A 121 24.25 3.20 1.73
C TYR A 121 23.38 2.30 0.87
N ARG A 122 23.52 0.98 1.00
CA ARG A 122 22.77 0.08 0.11
C ARG A 122 21.25 0.37 0.09
N ASP A 123 20.69 0.71 1.25
CA ASP A 123 19.26 0.84 1.43
C ASP A 123 18.77 2.26 1.24
N TYR A 124 19.63 3.14 0.76
CA TYR A 124 19.19 4.49 0.38
C TYR A 124 18.33 4.39 -0.88
N TYR A 125 18.36 3.22 -1.53
CA TYR A 125 17.71 3.01 -2.80
C TYR A 125 16.97 1.71 -2.71
N LEU A 126 16.32 1.34 -3.82
CA LEU A 126 15.41 0.21 -3.83
C LEU A 126 15.89 -0.94 -4.71
N TRP A 127 16.50 -1.93 -4.06
CA TRP A 127 17.06 -3.10 -4.71
C TRP A 127 16.19 -4.34 -4.46
N LYS A 128 16.02 -5.14 -5.51
CA LYS A 128 15.25 -6.36 -5.48
C LYS A 128 15.97 -7.44 -6.30
N ASP A 129 15.83 -8.70 -5.88
CA ASP A 129 16.33 -9.83 -6.64
C ASP A 129 15.58 -9.95 -7.96
N PRO A 130 16.21 -10.61 -8.93
CA PRO A 130 15.48 -10.99 -10.13
C PRO A 130 14.41 -12.04 -9.80
N LYS A 131 13.52 -12.27 -10.74
CA LYS A 131 12.65 -13.43 -10.67
C LYS A 131 13.50 -14.66 -10.94
N PRO A 132 13.03 -15.83 -10.50
CA PRO A 132 13.78 -17.06 -10.78
C PRO A 132 14.35 -17.17 -12.21
N ASP A 133 13.52 -16.89 -13.22
CA ASP A 133 13.98 -16.89 -14.63
C ASP A 133 14.89 -15.69 -15.02
N GLY A 134 15.37 -14.91 -14.07
CA GLY A 134 16.30 -13.80 -14.35
C GLY A 134 15.69 -12.46 -14.70
N SER A 135 14.41 -12.43 -15.03
CA SER A 135 13.72 -11.20 -15.42
C SER A 135 13.49 -10.25 -14.23
N GLU A 136 12.93 -9.08 -14.54
CA GLU A 136 12.75 -8.00 -13.57
C GLU A 136 11.75 -8.39 -12.49
N PRO A 137 11.90 -7.83 -11.27
CA PRO A 137 11.05 -8.23 -10.15
C PRO A 137 9.56 -8.09 -10.44
N ASN A 138 9.18 -7.18 -11.33
CA ASN A 138 7.79 -7.07 -11.77
C ASN A 138 7.70 -6.38 -13.13
N ASN A 139 6.50 -6.08 -13.60
CA ASN A 139 6.30 -5.56 -14.96
C ASN A 139 6.10 -4.02 -15.01
N TRP A 140 6.66 -3.33 -14.01
CA TRP A 140 6.51 -1.89 -13.91
C TRP A 140 7.42 -1.23 -14.92
N GLY A 141 6.88 -0.23 -15.61
CA GLY A 141 7.59 0.53 -16.64
C GLY A 141 8.11 1.85 -16.13
N SER A 142 9.04 2.44 -16.89
CA SER A 142 9.53 3.77 -16.62
C SER A 142 8.64 4.76 -17.33
N ILE A 143 8.47 5.92 -16.71
CA ILE A 143 7.74 7.01 -17.37
C ILE A 143 8.48 7.38 -18.64
N PHE A 144 9.80 7.23 -18.61
CA PHE A 144 10.64 7.45 -19.82
C PHE A 144 10.95 6.19 -20.63
N SER A 145 10.03 5.23 -20.67
CA SER A 145 10.08 4.07 -21.57
C SER A 145 10.86 2.89 -21.00
N GLY A 146 10.49 1.67 -21.40
CA GLY A 146 11.17 0.43 -20.96
C GLY A 146 10.90 0.08 -19.51
N SER A 147 11.75 -0.76 -18.90
CA SER A 147 11.53 -1.24 -17.53
C SER A 147 11.81 -0.17 -16.51
N ALA A 148 11.14 -0.24 -15.37
CA ALA A 148 11.46 0.58 -14.21
C ALA A 148 12.61 0.00 -13.40
N TRP A 149 13.17 -1.11 -13.88
CA TRP A 149 14.22 -1.83 -13.19
C TRP A 149 15.46 -1.99 -14.08
N THR A 150 16.63 -1.75 -13.48
CA THR A 150 17.89 -1.88 -14.17
C THR A 150 18.79 -2.79 -13.37
N TYR A 151 19.41 -3.75 -14.06
CA TYR A 151 20.19 -4.83 -13.45
C TYR A 151 21.61 -4.41 -13.14
N ASP A 152 22.10 -4.72 -11.95
CA ASP A 152 23.49 -4.47 -11.62
C ASP A 152 24.26 -5.80 -11.59
N GLU A 153 25.03 -6.09 -12.65
CA GLU A 153 25.78 -7.35 -12.77
C GLU A 153 26.61 -7.61 -11.53
N GLY A 154 27.11 -6.56 -10.90
CA GLY A 154 28.00 -6.67 -9.74
C GLY A 154 27.39 -7.19 -8.44
N THR A 155 26.13 -6.91 -8.20
CA THR A 155 25.44 -7.47 -7.02
C THR A 155 24.27 -8.41 -7.37
N GLY A 156 24.03 -8.64 -8.66
CA GLY A 156 22.98 -9.56 -9.10
C GLY A 156 21.57 -9.14 -8.73
N GLN A 157 21.37 -7.84 -8.54
CA GLN A 157 20.06 -7.27 -8.17
C GLN A 157 19.67 -6.15 -9.11
N TYR A 158 18.37 -5.88 -9.19
CA TYR A 158 17.88 -4.72 -9.95
C TYR A 158 17.68 -3.56 -9.02
N TYR A 159 17.79 -2.35 -9.55
CA TYR A 159 17.37 -1.14 -8.80
C TYR A 159 16.23 -0.42 -9.53
N LEU A 160 15.42 0.31 -8.75
CA LEU A 160 14.17 0.84 -9.24
C LEU A 160 14.41 2.22 -9.72
N HIS A 161 13.82 2.52 -10.89
CA HIS A 161 13.76 3.88 -11.40
C HIS A 161 12.46 4.14 -12.15
N TYR A 162 11.60 4.97 -11.56
CA TYR A 162 10.36 5.40 -12.21
C TYR A 162 10.67 6.18 -13.49
N PHE A 163 11.78 6.91 -13.47
CA PHE A 163 12.22 7.70 -14.61
C PHE A 163 13.45 7.10 -15.32
N SER A 164 14.48 7.90 -15.60
CA SER A 164 15.60 7.35 -16.39
C SER A 164 16.42 6.35 -15.57
N LYS A 165 17.16 5.48 -16.27
CA LYS A 165 18.13 4.55 -15.66
C LYS A 165 19.14 5.32 -14.78
N LYS A 166 19.36 6.61 -15.09
CA LYS A 166 20.30 7.46 -14.35
C LYS A 166 19.61 8.26 -13.22
N GLN A 167 18.41 7.82 -12.82
CA GLN A 167 17.62 8.46 -11.78
C GLN A 167 17.09 7.36 -10.86
N PRO A 168 17.98 6.70 -10.10
CA PRO A 168 17.51 5.71 -9.13
C PRO A 168 16.62 6.32 -8.03
N ASP A 169 15.45 5.70 -7.78
CA ASP A 169 14.52 6.20 -6.77
C ASP A 169 15.07 5.98 -5.38
N LEU A 170 14.83 6.96 -4.54
CA LEU A 170 15.19 6.88 -3.15
C LEU A 170 14.27 5.96 -2.35
N ASN A 171 14.79 5.48 -1.23
CA ASN A 171 14.02 4.62 -0.38
C ASN A 171 13.48 5.38 0.84
N TRP A 172 12.30 5.97 0.68
CA TRP A 172 11.68 6.71 1.76
C TRP A 172 11.35 5.86 2.99
N GLU A 173 11.37 4.53 2.84
CA GLU A 173 11.11 3.65 3.99
C GLU A 173 12.28 3.75 4.96
N ASN A 174 13.43 4.13 4.43
CA ASN A 174 14.60 4.33 5.24
C ASN A 174 14.55 5.68 5.92
N GLU A 175 14.58 5.67 7.25
CA GLU A 175 14.63 6.90 8.05
C GLU A 175 15.88 7.73 7.79
N ALA A 176 16.99 7.08 7.49
CA ALA A 176 18.21 7.82 7.14
C ALA A 176 17.95 8.70 5.94
N VAL A 177 17.29 8.15 4.91
CA VAL A 177 17.02 8.87 3.65
C VAL A 177 16.14 10.09 3.89
N ARG A 178 15.14 9.94 4.73
CA ARG A 178 14.27 11.08 5.04
C ARG A 178 15.04 12.17 5.82
N ARG A 179 15.82 11.78 6.84
CA ARG A 179 16.67 12.73 7.58
C ARG A 179 17.63 13.48 6.64
N GLU A 180 18.19 12.76 5.68
CA GLU A 180 19.03 13.38 4.62
C GLU A 180 18.24 14.44 3.84
N VAL A 181 17.03 14.10 3.40
CA VAL A 181 16.24 15.07 2.67
C VAL A 181 15.96 16.29 3.55
N TYR A 182 15.59 16.08 4.80
CA TYR A 182 15.29 17.23 5.70
C TYR A 182 16.52 18.11 5.98
N ASP A 183 17.69 17.51 6.16
CA ASP A 183 18.96 18.25 6.18
C ASP A 183 19.19 19.14 4.93
N VAL A 184 18.89 18.60 3.74
CA VAL A 184 18.93 19.39 2.48
C VAL A 184 17.95 20.55 2.48
N MET A 185 16.72 20.29 2.85
CA MET A 185 15.76 21.36 2.95
C MET A 185 16.22 22.43 3.97
N ARG A 186 16.66 21.99 5.15
CA ARG A 186 17.10 22.93 6.17
C ARG A 186 18.24 23.82 5.71
N PHE A 187 19.19 23.22 5.00
CA PHE A 187 20.36 23.92 4.52
C PHE A 187 19.97 25.15 3.71
N TRP A 188 19.03 24.96 2.78
CA TRP A 188 18.65 25.99 1.82
C TRP A 188 17.66 27.01 2.39
N MET A 189 16.79 26.55 3.27
CA MET A 189 15.82 27.42 3.92
C MET A 189 16.48 28.29 4.94
N ASP A 190 17.54 27.81 5.59
CA ASP A 190 18.38 28.65 6.48
C ASP A 190 19.13 29.75 5.72
N ARG A 191 19.29 29.56 4.40
CA ARG A 191 20.00 30.49 3.55
C ARG A 191 19.04 31.28 2.66
N GLY A 192 17.76 31.26 3.02
CA GLY A 192 16.82 32.20 2.47
C GLY A 192 15.89 31.68 1.39
N VAL A 193 15.96 30.40 1.02
CA VAL A 193 14.96 29.83 0.11
C VAL A 193 13.57 29.87 0.76
N ASP A 194 12.60 30.47 0.08
CA ASP A 194 11.32 30.76 0.70
C ASP A 194 10.33 29.63 0.58
N GLY A 195 10.71 28.56 -0.12
CA GLY A 195 9.78 27.48 -0.32
C GLY A 195 10.24 26.50 -1.36
N TRP A 196 9.42 25.49 -1.62
CA TRP A 196 9.75 24.41 -2.53
C TRP A 196 8.61 24.09 -3.51
N ARG A 197 9.02 23.77 -4.73
CA ARG A 197 8.19 23.05 -5.68
C ARG A 197 8.72 21.60 -5.68
N MET A 198 7.87 20.65 -5.35
CA MET A 198 8.32 19.30 -5.07
C MET A 198 8.05 18.41 -6.25
N ASP A 199 9.11 18.00 -6.93
CA ASP A 199 9.06 17.20 -8.13
C ASP A 199 8.52 15.80 -7.84
N VAL A 200 7.59 15.40 -8.69
CA VAL A 200 6.80 14.15 -8.61
C VAL A 200 6.63 13.59 -7.21
N ILE A 201 6.11 14.45 -6.33
CA ILE A 201 6.08 14.17 -4.89
C ILE A 201 5.12 12.99 -4.66
N GLY A 202 4.23 12.76 -5.64
CA GLY A 202 3.25 11.68 -5.59
C GLY A 202 3.83 10.28 -5.64
N SER A 203 5.12 10.18 -5.98
CA SER A 203 5.77 8.88 -6.14
C SER A 203 6.64 8.42 -4.93
N ILE A 204 6.89 9.29 -3.95
CA ILE A 204 7.93 9.00 -2.96
C ILE A 204 7.67 7.77 -2.11
N SER A 205 6.39 7.41 -1.95
CA SER A 205 5.95 6.21 -1.25
C SER A 205 5.58 5.07 -2.26
N LYS A 206 6.20 3.91 -2.04
CA LYS A 206 6.07 2.74 -2.91
C LYS A 206 5.22 1.69 -2.22
N TYR A 207 4.58 0.86 -3.03
CA TYR A 207 4.02 -0.37 -2.51
C TYR A 207 5.18 -1.33 -2.34
N THR A 208 5.67 -1.50 -1.11
CA THR A 208 6.90 -2.25 -0.88
C THR A 208 6.85 -3.74 -1.21
N ASP A 209 5.67 -4.26 -1.52
CA ASP A 209 5.60 -5.62 -2.09
C ASP A 209 5.78 -5.66 -3.63
N PHE A 210 5.85 -4.51 -4.30
CA PHE A 210 6.08 -4.42 -5.74
C PHE A 210 5.23 -5.40 -6.53
N PRO A 211 3.92 -5.27 -6.36
CA PRO A 211 3.01 -6.15 -7.04
C PRO A 211 2.91 -5.87 -8.56
N ASP A 212 2.95 -6.90 -9.38
CA ASP A 212 2.64 -6.78 -10.82
C ASP A 212 1.31 -6.06 -11.12
N TYR A 213 1.17 -5.50 -12.32
CA TYR A 213 -0.13 -5.08 -12.86
C TYR A 213 -0.78 -6.27 -13.54
N GLU A 214 -2.10 -6.29 -13.66
CA GLU A 214 -2.78 -7.30 -14.51
C GLU A 214 -2.38 -7.07 -15.98
N THR A 215 -2.25 -8.16 -16.73
CA THR A 215 -2.17 -8.10 -18.19
C THR A 215 -3.18 -9.10 -18.73
N ARG A 219 1.95 -3.64 -23.36
CA ARG A 219 1.82 -5.08 -23.10
C ARG A 219 2.88 -5.60 -22.10
N SER A 220 4.14 -5.14 -22.24
CA SER A 220 5.27 -5.69 -21.47
C SER A 220 5.59 -4.95 -20.20
N TYR A 221 5.68 -3.62 -20.26
CA TYR A 221 5.86 -2.82 -19.07
C TYR A 221 4.70 -1.87 -18.92
N ILE A 222 4.27 -1.65 -17.69
CA ILE A 222 3.06 -0.91 -17.43
C ILE A 222 3.35 0.23 -16.43
N VAL A 223 2.79 1.42 -16.70
CA VAL A 223 2.79 2.50 -15.73
C VAL A 223 1.32 2.71 -15.32
N GLY A 224 1.07 2.86 -14.02
CA GLY A 224 -0.30 2.87 -13.51
C GLY A 224 -0.44 3.35 -12.08
N ARG A 225 -1.46 2.84 -11.40
CA ARG A 225 -1.81 3.38 -10.07
C ARG A 225 -0.78 3.12 -8.94
N TYR A 226 0.13 2.15 -9.08
CA TYR A 226 1.14 1.92 -8.03
C TYR A 226 2.27 2.95 -8.09
N HIS A 227 2.37 3.66 -9.22
CA HIS A 227 3.43 4.65 -9.40
C HIS A 227 3.17 5.93 -8.68
N SER A 228 2.05 6.05 -7.99
CA SER A 228 1.80 7.21 -7.16
C SER A 228 0.79 6.90 -6.07
N ASN A 229 0.67 7.83 -5.13
CA ASN A 229 -0.30 7.69 -4.04
C ASN A 229 -0.10 6.41 -3.25
N GLY A 230 1.13 6.23 -2.80
CA GLY A 230 1.47 5.09 -1.97
C GLY A 230 0.86 5.20 -0.59
N PRO A 231 0.87 4.09 0.15
CA PRO A 231 0.25 3.99 1.45
C PRO A 231 0.87 4.87 2.52
N ARG A 232 2.09 5.34 2.30
CA ARG A 232 2.77 6.20 3.26
C ARG A 232 3.11 7.60 2.71
N LEU A 233 2.59 7.92 1.52
CA LEU A 233 2.80 9.23 0.90
C LEU A 233 2.55 10.39 1.84
N HIS A 234 1.34 10.48 2.35
CA HIS A 234 0.97 11.58 3.21
C HIS A 234 1.57 11.52 4.60
N GLU A 235 1.86 10.32 5.08
CA GLU A 235 2.60 10.16 6.34
C GLU A 235 3.95 10.87 6.21
N PHE A 236 4.64 10.62 5.10
CA PHE A 236 5.96 11.17 4.90
C PHE A 236 5.89 12.69 4.79
N ILE A 237 4.96 13.20 4.00
CA ILE A 237 4.77 14.64 3.84
C ILE A 237 4.43 15.30 5.18
N GLN A 238 3.55 14.67 5.93
CA GLN A 238 3.22 15.15 7.27
C GLN A 238 4.47 15.22 8.17
N GLU A 239 5.39 14.29 8.02
CA GLU A 239 6.62 14.30 8.79
C GLU A 239 7.50 15.42 8.27
N MET A 240 7.53 15.61 6.96
CA MET A 240 8.32 16.66 6.37
C MET A 240 7.86 18.01 6.91
N ASN A 241 6.54 18.21 6.97
CA ASN A 241 5.98 19.41 7.54
C ASN A 241 6.38 19.61 8.99
N ARG A 242 6.26 18.55 9.76
CA ARG A 242 6.57 18.60 11.16
C ARG A 242 8.05 18.94 11.37
N GLU A 243 8.93 18.25 10.67
CA GLU A 243 10.37 18.36 10.89
C GLU A 243 10.99 19.61 10.28
N VAL A 244 10.37 20.13 9.22
CA VAL A 244 10.96 21.21 8.46
C VAL A 244 10.00 22.37 8.21
N LEU A 245 8.99 22.15 7.33
CA LEU A 245 8.13 23.24 6.80
C LEU A 245 7.54 24.11 7.90
N SER A 246 7.14 23.50 8.99
CA SER A 246 6.62 24.24 10.16
C SER A 246 7.66 25.10 10.90
N HIS A 247 8.96 24.93 10.61
CA HIS A 247 9.96 25.83 11.23
C HIS A 247 10.25 27.11 10.43
N TYR A 248 9.59 27.30 9.29
CA TYR A 248 9.88 28.44 8.45
C TYR A 248 8.65 29.04 7.88
N ASP A 249 8.68 30.35 7.66
CA ASP A 249 7.66 31.04 6.88
C ASP A 249 7.89 30.66 5.41
N CYS A 250 7.15 29.71 4.89
CA CYS A 250 7.43 29.26 3.54
C CYS A 250 6.20 28.96 2.68
N MET A 251 6.43 28.55 1.46
CA MET A 251 5.39 28.17 0.56
C MET A 251 5.74 26.81 -0.02
N THR A 252 4.77 25.93 -0.19
CA THR A 252 5.00 24.64 -0.83
C THR A 252 3.98 24.31 -1.94
N VAL A 253 4.48 23.87 -3.08
CA VAL A 253 3.63 23.40 -4.16
C VAL A 253 4.14 22.03 -4.55
N GLY A 254 3.29 21.02 -4.46
CA GLY A 254 3.67 19.67 -4.88
C GLY A 254 3.31 19.40 -6.32
N GLU A 255 4.24 18.81 -7.07
CA GLU A 255 3.92 18.30 -8.40
C GLU A 255 3.30 16.96 -8.10
N ALA A 256 1.99 16.96 -7.97
CA ALA A 256 1.25 15.77 -7.61
C ALA A 256 0.84 14.93 -8.82
N ASN A 257 1.77 14.17 -9.37
CA ASN A 257 1.46 13.16 -10.40
C ASN A 257 0.46 12.16 -9.85
N GLY A 258 -0.49 11.74 -10.67
CA GLY A 258 -1.52 10.83 -10.22
C GLY A 258 -2.59 11.41 -9.32
N SER A 259 -2.62 12.74 -9.16
CA SER A 259 -3.58 13.34 -8.24
C SER A 259 -4.98 13.60 -8.85
N ASP A 260 -6.01 13.25 -8.09
CA ASP A 260 -7.37 13.61 -8.39
C ASP A 260 -7.84 14.54 -7.28
N ILE A 261 -9.09 14.98 -7.41
CA ILE A 261 -9.58 15.96 -6.49
C ILE A 261 -9.49 15.48 -5.01
N GLU A 262 -9.84 14.21 -4.77
CA GLU A 262 -9.81 13.66 -3.42
C GLU A 262 -8.43 13.68 -2.83
N GLU A 263 -7.45 13.27 -3.63
CA GLU A 263 -6.05 13.28 -3.24
C GLU A 263 -5.54 14.71 -3.01
N ALA A 264 -5.96 15.62 -3.87
CA ALA A 264 -5.66 17.03 -3.69
C ALA A 264 -6.05 17.55 -2.31
N LYS A 265 -7.19 17.12 -1.79
CA LYS A 265 -7.60 17.57 -0.47
C LYS A 265 -6.69 17.02 0.61
N LYS A 266 -6.19 15.79 0.42
CA LYS A 266 -5.28 15.21 1.38
C LYS A 266 -3.98 16.02 1.42
N TYR A 267 -3.53 16.46 0.24
CA TYR A 267 -2.29 17.24 0.16
C TYR A 267 -2.45 18.64 0.73
N THR A 268 -3.60 19.27 0.45
CA THR A 268 -3.75 20.72 0.64
C THR A 268 -4.60 21.21 1.78
N ASP A 269 -5.48 20.37 2.33
CA ASP A 269 -6.29 20.74 3.46
C ASP A 269 -5.39 21.28 4.54
N ALA A 270 -5.56 22.56 4.87
CA ALA A 270 -4.74 23.22 5.89
C ALA A 270 -4.66 22.42 7.18
N SER A 271 -5.77 21.80 7.56
CA SER A 271 -5.81 21.08 8.82
C SER A 271 -4.92 19.84 8.83
N ARG A 272 -4.60 19.29 7.66
CA ARG A 272 -3.75 18.09 7.58
C ARG A 272 -2.26 18.39 7.67
N GLN A 273 -1.87 19.68 7.58
CA GLN A 273 -0.49 20.11 7.74
C GLN A 273 0.47 19.36 6.86
N GLU A 274 0.16 19.36 5.57
CA GLU A 274 1.02 18.80 4.54
C GLU A 274 1.58 19.91 3.64
N LEU A 275 0.94 20.18 2.51
CA LEU A 275 1.39 21.20 1.58
C LEU A 275 0.34 22.31 1.40
N ASN A 276 0.72 23.41 0.75
CA ASN A 276 -0.20 24.52 0.57
C ASN A 276 -1.05 24.35 -0.66
N MET A 277 -0.47 23.78 -1.71
CA MET A 277 -1.15 23.58 -3.01
C MET A 277 -0.44 22.50 -3.81
N ILE A 278 -1.09 21.96 -4.84
CA ILE A 278 -0.42 21.01 -5.75
C ILE A 278 -0.75 21.27 -7.21
N PHE A 279 0.15 20.89 -8.11
CA PHE A 279 -0.15 20.84 -9.53
C PHE A 279 -0.84 19.52 -9.80
N THR A 280 -1.91 19.56 -10.57
CA THR A 280 -2.48 18.33 -11.08
C THR A 280 -2.21 18.21 -12.54
N PHE A 281 -2.41 17.03 -13.09
CA PHE A 281 -2.27 16.77 -14.51
C PHE A 281 -3.58 16.59 -15.23
N GLU A 282 -4.67 16.59 -14.48
CA GLU A 282 -5.95 16.20 -15.04
C GLU A 282 -6.42 17.08 -16.21
N HIS A 283 -6.22 18.39 -16.07
CA HIS A 283 -6.54 19.33 -17.15
C HIS A 283 -5.52 19.22 -18.31
N MET A 284 -4.30 18.81 -18.00
CA MET A 284 -3.28 18.49 -19.01
C MET A 284 -3.56 17.15 -19.73
N ASP A 285 -4.31 16.23 -19.12
CA ASP A 285 -4.56 14.89 -19.67
C ASP A 285 -5.74 14.85 -20.66
N ILE A 286 -6.42 15.96 -20.82
CA ILE A 286 -7.62 16.07 -21.66
C ILE A 286 -7.40 15.70 -23.13
N ASP A 287 -6.16 15.85 -23.59
CA ASP A 287 -5.83 15.57 -24.99
C ASP A 287 -4.97 14.33 -25.18
N LYS A 288 -5.15 13.34 -24.32
CA LYS A 288 -4.63 12.01 -24.59
C LYS A 288 -5.69 10.97 -24.35
N GLU A 289 -5.60 9.85 -25.07
CA GLU A 289 -6.49 8.69 -24.80
C GLU A 289 -6.16 8.12 -23.44
N GLN A 290 -7.19 7.72 -22.68
CA GLN A 290 -7.06 7.39 -21.24
C GLN A 290 -5.91 6.41 -20.97
N ASN A 291 -5.91 5.30 -21.71
CA ASN A 291 -4.89 4.26 -21.53
C ASN A 291 -4.56 3.61 -22.88
N SER A 292 -3.49 4.11 -23.49
CA SER A 292 -2.95 3.60 -24.75
C SER A 292 -1.49 3.32 -24.48
N PRO A 293 -0.91 2.34 -25.18
CA PRO A 293 0.49 2.06 -24.96
C PRO A 293 1.41 3.26 -25.29
N ASN A 294 0.93 4.16 -26.14
CA ASN A 294 1.67 5.36 -26.50
C ASN A 294 1.52 6.54 -25.55
N GLY A 295 0.76 6.35 -24.47
CA GLY A 295 0.64 7.33 -23.42
C GLY A 295 0.27 8.72 -23.92
N LYS A 296 0.98 9.72 -23.39
CA LYS A 296 0.80 11.12 -23.77
C LYS A 296 0.91 11.41 -25.27
N TRP A 297 1.61 10.55 -26.01
CA TRP A 297 1.82 10.70 -27.44
C TRP A 297 0.63 10.19 -28.30
N GLN A 298 -0.38 9.61 -27.65
CA GLN A 298 -1.61 9.20 -28.35
C GLN A 298 -2.60 10.35 -28.18
N ILE A 299 -2.56 11.29 -29.11
CA ILE A 299 -3.13 12.63 -28.87
C ILE A 299 -4.56 12.78 -29.35
N LYS A 300 -5.35 13.53 -28.59
CA LYS A 300 -6.75 13.82 -28.92
C LYS A 300 -6.85 15.31 -29.21
N PRO A 301 -7.75 15.70 -30.12
CA PRO A 301 -7.94 17.13 -30.33
C PRO A 301 -8.42 17.86 -29.06
N PHE A 302 -8.09 19.14 -28.97
CA PHE A 302 -8.57 19.99 -27.88
C PHE A 302 -10.08 19.89 -27.71
N ASP A 303 -10.53 19.56 -26.51
CA ASP A 303 -11.96 19.48 -26.26
C ASP A 303 -12.36 20.46 -25.18
N LEU A 304 -13.00 21.56 -25.59
CA LEU A 304 -13.32 22.64 -24.64
C LEU A 304 -14.22 22.18 -23.47
N ILE A 305 -15.21 21.34 -23.79
CA ILE A 305 -16.16 20.84 -22.79
C ILE A 305 -15.36 20.11 -21.72
N ALA A 306 -14.42 19.27 -22.15
CA ALA A 306 -13.61 18.48 -21.22
C ALA A 306 -12.76 19.37 -20.36
N LEU A 307 -12.22 20.42 -20.96
CA LEU A 307 -11.45 21.38 -20.18
C LEU A 307 -12.35 22.01 -19.10
N LYS A 308 -13.56 22.43 -19.49
CA LYS A 308 -14.47 23.10 -18.57
C LYS A 308 -14.85 22.17 -17.40
N LYS A 309 -15.31 20.97 -17.76
CA LYS A 309 -15.59 19.90 -16.79
C LYS A 309 -14.46 19.67 -15.79
N THR A 310 -13.24 19.49 -16.30
CA THR A 310 -12.08 19.20 -15.45
C THR A 310 -11.75 20.36 -14.52
N MET A 311 -11.55 21.54 -15.07
CA MET A 311 -11.13 22.68 -14.25
C MET A 311 -12.18 23.05 -13.22
N THR A 312 -13.43 22.91 -13.61
CA THR A 312 -14.56 23.23 -12.74
C THR A 312 -14.61 22.25 -11.57
N ARG A 313 -14.36 20.97 -11.84
CA ARG A 313 -14.32 19.96 -10.77
C ARG A 313 -13.28 20.36 -9.72
N TRP A 314 -12.19 20.94 -10.19
CA TRP A 314 -11.10 21.35 -9.32
C TRP A 314 -11.42 22.65 -8.59
N GLN A 315 -12.09 23.57 -9.28
CA GLN A 315 -12.55 24.80 -8.63
C GLN A 315 -13.57 24.56 -7.51
N THR A 316 -14.59 23.77 -7.77
CA THR A 316 -15.58 23.43 -6.75
C THR A 316 -14.99 22.49 -5.66
N GLY A 317 -14.21 21.51 -6.06
CA GLY A 317 -13.56 20.58 -5.12
C GLY A 317 -12.70 21.19 -4.01
N LEU A 318 -11.93 22.21 -4.36
CA LEU A 318 -11.11 22.92 -3.36
C LEU A 318 -11.64 24.34 -3.19
N MET A 319 -12.95 24.52 -3.33
CA MET A 319 -13.51 25.85 -3.27
C MET A 319 -13.41 26.43 -1.87
N ASN A 320 -13.66 25.60 -0.84
CA ASN A 320 -13.67 26.03 0.58
C ASN A 320 -12.70 25.25 1.48
N VAL A 321 -11.93 24.35 0.89
CA VAL A 321 -10.93 23.59 1.61
C VAL A 321 -9.71 23.44 0.69
N GLY A 322 -8.51 23.55 1.26
CA GLY A 322 -7.30 23.45 0.42
C GLY A 322 -7.14 24.63 -0.50
N TRP A 323 -6.34 24.47 -1.55
CA TRP A 323 -6.02 25.57 -2.47
C TRP A 323 -5.57 25.03 -3.84
N ASN A 324 -5.95 25.74 -4.92
CA ASN A 324 -5.61 25.36 -6.27
C ASN A 324 -4.36 26.07 -6.77
N THR A 325 -3.64 25.40 -7.68
CA THR A 325 -2.66 26.03 -8.56
C THR A 325 -3.33 26.20 -9.93
N LEU A 326 -2.92 27.26 -10.62
CA LEU A 326 -3.45 27.59 -11.95
C LEU A 326 -2.31 27.67 -12.96
N TYR A 327 -2.29 26.73 -13.89
CA TYR A 327 -1.25 26.72 -14.90
C TYR A 327 -1.70 26.04 -16.18
N PHE A 328 -1.11 26.49 -17.28
CA PHE A 328 -1.25 25.84 -18.58
C PHE A 328 0.13 25.52 -19.19
N GLU A 329 1.18 26.06 -18.57
CA GLU A 329 2.51 25.92 -19.09
C GLU A 329 3.51 25.69 -17.97
N ASN A 330 4.55 24.95 -18.35
CA ASN A 330 5.71 24.74 -17.55
C ASN A 330 6.76 24.05 -18.47
N HIS A 331 7.87 23.63 -17.86
CA HIS A 331 8.95 22.98 -18.57
C HIS A 331 8.66 21.55 -19.02
N ASP A 332 7.52 20.99 -18.62
CA ASP A 332 7.08 19.65 -19.01
C ASP A 332 5.92 19.68 -20.02
N GLN A 333 5.50 20.87 -20.42
CA GLN A 333 4.34 21.03 -21.28
C GLN A 333 4.66 21.94 -22.44
N PRO A 334 4.00 21.71 -23.58
CA PRO A 334 4.13 22.58 -24.72
C PRO A 334 3.47 23.91 -24.51
N ARG A 335 3.56 24.77 -25.51
CA ARG A 335 2.97 26.13 -25.43
C ARG A 335 1.48 26.00 -25.69
N VAL A 336 0.69 26.49 -24.73
CA VAL A 336 -0.76 26.15 -24.74
C VAL A 336 -1.44 26.67 -26.01
N ILE A 337 -0.99 27.82 -26.51
CA ILE A 337 -1.57 28.44 -27.72
C ILE A 337 -1.34 27.62 -29.01
N SER A 338 -0.16 27.00 -29.10
CA SER A 338 0.18 26.09 -30.20
C SER A 338 -0.55 24.76 -30.07
N ARG A 339 -0.60 24.26 -28.83
CA ARG A 339 -1.24 22.96 -28.48
C ARG A 339 -2.74 22.93 -28.75
N TRP A 340 -3.44 23.96 -28.25
CA TRP A 340 -4.91 23.97 -28.21
C TRP A 340 -5.58 25.14 -28.95
N GLY A 341 -4.82 26.04 -29.52
CA GLY A 341 -5.42 27.20 -30.13
C GLY A 341 -4.71 27.64 -31.38
N ASN A 342 -4.70 28.95 -31.62
CA ASN A 342 -4.21 29.52 -32.88
C ASN A 342 -2.95 30.26 -32.47
N ASP A 343 -1.80 29.93 -33.08
CA ASP A 343 -0.56 30.67 -32.83
C ASP A 343 -0.02 31.49 -34.01
N ARG A 344 -0.88 31.79 -34.97
CA ARG A 344 -0.54 32.63 -36.12
C ARG A 344 -1.32 33.93 -36.07
N LYS A 345 -2.33 34.09 -36.92
CA LYS A 345 -3.02 35.36 -37.04
C LYS A 345 -3.60 35.81 -35.73
N LEU A 346 -4.11 34.86 -34.94
CA LEU A 346 -4.86 35.16 -33.72
C LEU A 346 -4.04 34.87 -32.47
N ARG A 347 -2.72 34.87 -32.62
CA ARG A 347 -1.83 34.45 -31.56
C ARG A 347 -2.06 35.26 -30.29
N LYS A 348 -2.10 36.57 -30.43
CA LYS A 348 -2.25 37.45 -29.28
C LYS A 348 -3.65 37.32 -28.60
N GLU A 349 -4.70 37.31 -29.42
CA GLU A 349 -6.03 37.16 -28.90
C GLU A 349 -6.14 35.87 -28.07
N CYS A 350 -5.62 34.79 -28.67
CA CYS A 350 -5.71 33.46 -28.14
C CYS A 350 -4.90 33.37 -26.85
N ALA A 351 -3.69 33.90 -26.85
CA ALA A 351 -2.86 33.89 -25.63
C ALA A 351 -3.60 34.62 -24.51
N LYS A 352 -4.26 35.72 -24.88
CA LYS A 352 -4.98 36.53 -23.90
C LYS A 352 -6.22 35.78 -23.44
N ALA A 353 -6.93 35.15 -24.37
CA ALA A 353 -8.06 34.31 -24.01
C ALA A 353 -7.65 33.33 -22.90
N PHE A 354 -6.64 32.47 -23.17
CA PHE A 354 -6.29 31.40 -22.24
C PHE A 354 -5.80 31.99 -20.90
N ALA A 355 -5.12 33.13 -20.95
CA ALA A 355 -4.70 33.81 -19.75
C ALA A 355 -5.89 34.22 -18.89
N THR A 356 -6.94 34.73 -19.52
CA THR A 356 -8.10 35.28 -18.84
C THR A 356 -8.87 34.15 -18.17
N VAL A 357 -9.10 33.08 -18.92
CA VAL A 357 -9.68 31.84 -18.39
C VAL A 357 -8.96 31.38 -17.11
N LEU A 358 -7.64 31.36 -17.15
CA LEU A 358 -6.85 30.89 -15.99
C LEU A 358 -6.81 31.87 -14.82
N HIS A 359 -6.56 33.13 -15.12
CA HIS A 359 -6.34 34.14 -14.08
C HIS A 359 -7.60 34.61 -13.37
N GLY A 360 -8.75 34.41 -14.02
CA GLY A 360 -10.04 34.70 -13.40
C GLY A 360 -10.48 33.66 -12.42
N MET A 361 -9.70 32.60 -12.26
CA MET A 361 -10.05 31.54 -11.30
C MET A 361 -9.43 31.72 -9.93
N LYS A 362 -9.94 30.91 -9.01
CA LYS A 362 -9.45 30.87 -7.64
C LYS A 362 -8.20 29.97 -7.54
N GLY A 363 -7.16 30.49 -6.91
CA GLY A 363 -5.91 29.76 -6.70
C GLY A 363 -4.72 30.65 -6.99
N THR A 364 -3.54 30.04 -7.03
CA THR A 364 -2.30 30.77 -7.25
C THR A 364 -1.88 30.58 -8.71
N PRO A 365 -1.80 31.67 -9.49
CA PRO A 365 -1.39 31.57 -10.89
C PRO A 365 0.08 31.29 -11.05
N PHE A 366 0.43 30.56 -12.11
CA PHE A 366 1.81 30.29 -12.47
C PHE A 366 2.05 30.68 -13.92
N ILE A 367 3.00 31.59 -14.13
CA ILE A 367 3.36 32.01 -15.45
C ILE A 367 4.69 31.37 -15.81
N TYR A 368 4.70 30.64 -16.92
CA TYR A 368 5.92 29.98 -17.36
C TYR A 368 6.70 30.95 -18.28
N GLN A 369 8.02 31.05 -18.08
CA GLN A 369 8.80 32.03 -18.85
C GLN A 369 8.41 31.94 -20.33
N GLY A 370 8.05 33.09 -20.90
CA GLY A 370 7.67 33.14 -22.32
C GLY A 370 6.20 33.04 -22.62
N GLU A 371 5.46 32.55 -21.63
CA GLU A 371 4.03 32.51 -21.72
C GLU A 371 3.54 33.96 -21.92
N GLU A 372 4.18 34.89 -21.20
CA GLU A 372 3.72 36.28 -21.08
C GLU A 372 3.94 37.09 -22.36
N ILE A 373 4.72 36.55 -23.31
CA ILE A 373 4.89 37.15 -24.65
C ILE A 373 4.34 36.29 -25.85
N GLY A 374 3.66 35.20 -25.50
CA GLY A 374 3.14 34.30 -26.49
C GLY A 374 4.13 33.50 -27.28
N MET A 375 5.14 32.98 -26.62
CA MET A 375 6.07 32.04 -27.28
C MET A 375 5.29 30.83 -27.78
N VAL A 376 5.76 30.25 -28.87
CA VAL A 376 5.05 29.15 -29.53
C VAL A 376 5.93 27.92 -29.62
N ASN A 377 5.31 26.83 -30.08
CA ASN A 377 6.01 25.58 -30.36
C ASN A 377 6.96 25.77 -31.56
N SER A 378 8.06 25.00 -31.55
CA SER A 378 9.12 25.03 -32.55
C SER A 378 8.86 24.07 -33.71
N ASP A 379 9.24 24.50 -34.92
CA ASP A 379 9.15 23.67 -36.08
C ASP A 379 10.46 22.87 -36.30
N MET A 380 11.33 22.85 -35.32
CA MET A 380 12.60 22.11 -35.47
C MET A 380 12.45 20.64 -35.84
N PRO A 381 13.38 20.10 -36.62
CA PRO A 381 13.31 18.69 -36.94
C PRO A 381 13.54 17.77 -35.73
N LEU A 382 13.04 16.55 -35.84
CA LEU A 382 13.15 15.58 -34.77
C LEU A 382 14.56 15.42 -34.21
N GLU A 383 15.58 15.49 -35.07
CA GLU A 383 16.95 15.28 -34.62
C GLU A 383 17.47 16.44 -33.78
N MET A 384 16.73 17.52 -33.71
CA MET A 384 17.20 18.68 -32.96
C MET A 384 16.67 18.72 -31.54
N TYR A 385 15.73 17.83 -31.22
CA TYR A 385 15.20 17.75 -29.86
C TYR A 385 16.28 17.23 -28.93
N ASP A 386 16.22 17.63 -27.67
CA ASP A 386 17.24 17.25 -26.70
C ASP A 386 16.76 16.24 -25.66
N ASP A 387 15.46 16.29 -25.35
CA ASP A 387 14.83 15.58 -24.24
C ASP A 387 14.94 14.06 -24.33
N LEU A 388 15.44 13.42 -23.28
CA LEU A 388 15.63 11.96 -23.32
C LEU A 388 14.30 11.26 -23.47
N GLU A 389 13.24 11.87 -22.96
CA GLU A 389 11.92 11.32 -23.07
C GLU A 389 11.57 11.03 -24.53
N ILE A 390 12.01 11.86 -25.46
CA ILE A 390 11.59 11.69 -26.84
C ILE A 390 12.35 10.57 -27.53
N LYS A 391 13.64 10.50 -27.23
CA LYS A 391 14.51 9.56 -27.88
C LYS A 391 14.14 8.18 -27.37
N ASN A 392 13.82 8.10 -26.09
CA ASN A 392 13.40 6.84 -25.52
C ASN A 392 12.08 6.37 -26.10
N ALA A 393 11.13 7.29 -26.24
CA ALA A 393 9.84 6.94 -26.81
C ALA A 393 9.94 6.59 -28.31
N TYR A 394 10.80 7.31 -29.02
CA TYR A 394 11.03 6.99 -30.41
C TYR A 394 11.44 5.53 -30.52
N ARG A 395 12.44 5.13 -29.72
CA ARG A 395 12.99 3.79 -29.75
C ARG A 395 11.93 2.74 -29.40
N GLU A 396 11.17 2.99 -28.35
CA GLU A 396 10.16 2.02 -27.91
C GLU A 396 8.93 1.96 -28.81
N LEU A 397 8.35 3.12 -29.08
CA LEU A 397 7.05 3.17 -29.73
C LEU A 397 7.16 2.98 -31.23
N VAL A 398 8.18 3.57 -31.83
CA VAL A 398 8.35 3.48 -33.28
C VAL A 398 9.22 2.30 -33.75
N VAL A 399 10.36 2.10 -33.12
CA VAL A 399 11.32 1.14 -33.64
C VAL A 399 10.99 -0.27 -33.19
N GLU A 400 10.92 -0.46 -31.87
CA GLU A 400 10.67 -1.75 -31.26
C GLU A 400 9.21 -2.21 -31.33
N ASN A 401 8.32 -1.59 -30.58
CA ASN A 401 6.96 -2.07 -30.49
C ASN A 401 6.11 -1.76 -31.72
N LYS A 402 6.48 -0.73 -32.47
CA LYS A 402 5.68 -0.32 -33.63
C LYS A 402 4.22 -0.03 -33.31
N THR A 403 3.96 0.62 -32.18
CA THR A 403 2.62 1.08 -31.83
C THR A 403 2.34 2.50 -32.36
N MET A 404 3.30 3.12 -33.05
CA MET A 404 3.11 4.39 -33.75
C MET A 404 3.97 4.39 -34.96
N SER A 405 3.40 4.76 -36.11
CA SER A 405 4.22 5.05 -37.28
C SER A 405 5.16 6.23 -36.98
N GLU A 406 6.24 6.33 -37.71
CA GLU A 406 7.13 7.48 -37.54
C GLU A 406 6.45 8.83 -37.78
N LYS A 407 5.65 8.92 -38.84
CA LYS A 407 4.94 10.15 -39.18
C LYS A 407 4.05 10.56 -38.00
N GLU A 408 3.33 9.59 -37.42
CA GLU A 408 2.43 9.88 -36.32
C GLU A 408 3.22 10.30 -35.07
N PHE A 409 4.38 9.68 -34.85
CA PHE A 409 5.18 10.01 -33.68
C PHE A 409 5.70 11.44 -33.78
N VAL A 410 6.09 11.84 -34.98
CA VAL A 410 6.58 13.20 -35.20
C VAL A 410 5.48 14.26 -34.97
N LYS A 411 4.28 14.04 -35.51
CA LYS A 411 3.12 14.93 -35.28
C LYS A 411 2.89 15.12 -33.78
N ALA A 412 2.95 14.03 -33.05
CA ALA A 412 2.72 14.08 -31.63
C ALA A 412 3.79 14.89 -30.88
N VAL A 413 5.07 14.70 -31.22
CA VAL A 413 6.13 15.43 -30.52
CA VAL A 413 6.15 15.42 -30.55
C VAL A 413 6.06 16.92 -30.85
N MET A 414 5.63 17.23 -32.08
CA MET A 414 5.52 18.65 -32.52
C MET A 414 4.42 19.39 -31.79
N ILE A 415 3.49 18.64 -31.19
CA ILE A 415 2.43 19.19 -30.34
C ILE A 415 2.81 19.26 -28.84
N LYS A 416 3.38 18.16 -28.35
CA LYS A 416 3.50 17.93 -26.94
C LYS A 416 4.90 17.76 -26.39
N GLY A 417 5.93 17.78 -27.23
CA GLY A 417 7.31 17.64 -26.75
C GLY A 417 7.71 18.66 -25.69
N ARG A 418 8.29 18.22 -24.61
CA ARG A 418 8.71 19.15 -23.56
C ARG A 418 9.66 20.23 -24.05
N ASP A 419 10.43 19.94 -25.10
CA ASP A 419 11.41 20.90 -25.63
C ASP A 419 10.79 22.19 -26.21
N HIS A 420 9.50 22.15 -26.57
CA HIS A 420 8.78 23.37 -26.93
C HIS A 420 8.79 24.42 -25.85
N ALA A 421 9.11 24.00 -24.62
CA ALA A 421 9.15 24.92 -23.52
C ALA A 421 10.58 25.30 -23.14
N ARG A 422 11.56 24.75 -23.84
CA ARG A 422 12.94 24.86 -23.41
C ARG A 422 13.85 25.60 -24.41
N THR A 423 13.30 25.96 -25.57
CA THR A 423 14.04 26.77 -26.51
C THR A 423 14.22 28.13 -25.80
N PRO A 424 15.39 28.78 -25.97
CA PRO A 424 15.67 29.99 -25.17
C PRO A 424 14.60 31.09 -25.20
N MET A 425 14.53 31.78 -24.07
CA MET A 425 13.66 32.91 -23.87
C MET A 425 14.03 33.99 -24.89
N GLN A 426 13.03 34.59 -25.51
CA GLN A 426 13.23 35.47 -26.66
C GLN A 426 13.13 36.95 -26.22
N TRP A 427 14.30 37.61 -26.13
CA TRP A 427 14.41 38.94 -25.51
C TRP A 427 14.33 40.09 -26.51
N ASP A 428 14.92 39.93 -27.68
CA ASP A 428 14.77 40.92 -28.74
C ASP A 428 14.83 40.20 -30.10
N ALA A 429 15.04 40.97 -31.18
CA ALA A 429 15.02 40.42 -32.53
C ALA A 429 16.44 40.21 -33.07
N GLY A 430 17.43 40.41 -32.24
CA GLY A 430 18.81 40.22 -32.63
C GLY A 430 19.22 38.78 -32.64
N LYS A 431 20.53 38.55 -32.69
CA LYS A 431 21.06 37.22 -32.81
C LYS A 431 20.66 36.38 -31.59
N HIS A 432 20.07 35.21 -31.85
CA HIS A 432 19.62 34.27 -30.82
C HIS A 432 18.61 34.92 -29.88
N ALA A 433 17.79 35.79 -30.49
CA ALA A 433 16.80 36.63 -29.80
C ALA A 433 17.37 37.27 -28.54
N GLY A 434 18.67 37.54 -28.52
CA GLY A 434 19.30 38.25 -27.40
C GLY A 434 19.43 37.41 -26.14
N PHE A 435 19.27 36.10 -26.29
CA PHE A 435 19.45 35.18 -25.18
C PHE A 435 20.93 35.01 -24.92
N THR A 436 21.72 34.96 -25.97
CA THR A 436 23.15 34.71 -25.82
C THR A 436 24.01 35.38 -26.87
N ALA A 437 25.22 35.78 -26.46
CA ALA A 437 26.27 36.24 -27.41
C ALA A 437 27.17 35.10 -27.96
N GLY A 438 26.96 33.90 -27.45
CA GLY A 438 27.60 32.70 -28.00
C GLY A 438 26.66 31.89 -28.86
N ASP A 439 26.70 30.58 -28.64
CA ASP A 439 25.89 29.62 -29.37
C ASP A 439 24.95 28.92 -28.38
N PRO A 440 23.63 29.10 -28.53
CA PRO A 440 22.70 28.59 -27.54
C PRO A 440 22.78 27.09 -27.40
N TRP A 441 22.45 26.55 -26.23
CA TRP A 441 22.52 25.09 -26.00
C TRP A 441 21.55 24.33 -26.90
N ILE A 442 20.43 24.96 -27.25
CA ILE A 442 19.45 24.44 -28.21
C ILE A 442 19.02 25.65 -29.05
N PRO A 443 18.70 25.44 -30.32
CA PRO A 443 18.43 26.63 -31.14
C PRO A 443 17.18 27.36 -30.70
N VAL A 444 17.21 28.68 -30.90
CA VAL A 444 16.05 29.51 -30.68
C VAL A 444 14.98 29.26 -31.75
N ASN A 445 13.73 29.29 -31.30
CA ASN A 445 12.57 29.14 -32.13
C ASN A 445 12.75 30.09 -33.29
N SER A 446 12.47 29.58 -34.49
CA SER A 446 12.66 30.36 -35.72
C SER A 446 11.78 31.60 -35.82
N ARG A 447 10.73 31.71 -35.00
CA ARG A 447 9.85 32.87 -35.08
C ARG A 447 10.23 34.03 -34.16
N TYR A 448 11.37 33.94 -33.49
CA TYR A 448 11.71 34.95 -32.48
C TYR A 448 11.65 36.44 -32.93
N GLN A 449 11.85 36.73 -34.22
CA GLN A 449 11.88 38.13 -34.67
C GLN A 449 10.56 38.89 -34.47
N ASP A 450 9.45 38.17 -34.50
CA ASP A 450 8.12 38.75 -34.31
C ASP A 450 7.53 38.48 -32.94
N ILE A 451 8.23 37.72 -32.11
CA ILE A 451 7.78 37.35 -30.79
C ILE A 451 8.95 37.50 -29.81
N ASN A 452 9.00 38.63 -29.11
CA ASN A 452 10.08 38.85 -28.10
C ASN A 452 9.76 39.98 -27.13
N VAL A 453 10.50 40.05 -26.02
CA VAL A 453 10.25 41.02 -24.94
C VAL A 453 10.30 42.44 -25.44
N LYS A 454 11.31 42.77 -26.24
CA LYS A 454 11.49 44.15 -26.65
C LYS A 454 10.27 44.65 -27.42
N GLU A 455 9.81 43.87 -28.40
CA GLU A 455 8.64 44.24 -29.24
C GLU A 455 7.35 44.23 -28.42
N SER A 456 7.28 43.33 -27.46
CA SER A 456 6.18 43.29 -26.51
C SER A 456 6.10 44.53 -25.61
N LEU A 457 7.22 44.95 -25.02
CA LEU A 457 7.23 46.16 -24.19
C LEU A 457 6.96 47.45 -24.98
N GLU A 458 7.10 47.38 -26.31
CA GLU A 458 6.80 48.50 -27.18
C GLU A 458 5.34 48.55 -27.62
N ASP A 459 4.69 47.40 -27.73
CA ASP A 459 3.32 47.31 -28.23
C ASP A 459 2.32 47.34 -27.06
N GLN A 460 1.51 48.41 -26.96
CA GLN A 460 0.57 48.52 -25.84
C GLN A 460 -0.47 47.40 -25.88
N ASP A 461 -0.69 46.82 -27.06
CA ASP A 461 -1.65 45.72 -27.30
C ASP A 461 -0.98 44.36 -27.10
N SER A 462 0.17 44.33 -26.43
CA SER A 462 0.94 43.10 -26.30
C SER A 462 0.36 42.14 -25.25
N ILE A 463 0.71 40.86 -25.39
CA ILE A 463 0.32 39.86 -24.46
C ILE A 463 1.01 40.24 -23.11
N PHE A 464 2.23 40.74 -23.15
CA PHE A 464 2.89 41.11 -21.92
C PHE A 464 2.05 42.07 -21.12
N PHE A 465 1.55 43.17 -21.70
CA PHE A 465 0.77 44.14 -20.90
C PHE A 465 -0.55 43.52 -20.43
N TYR A 466 -1.10 42.62 -21.23
CA TYR A 466 -2.32 41.93 -20.82
C TYR A 466 -2.08 41.09 -19.55
N TYR A 467 -0.98 40.36 -19.49
CA TYR A 467 -0.60 39.64 -18.29
C TYR A 467 -0.34 40.59 -17.12
N GLN A 468 0.41 41.66 -17.37
CA GLN A 468 0.68 42.67 -16.36
C GLN A 468 -0.60 43.21 -15.75
N LYS A 469 -1.60 43.40 -16.60
CA LYS A 469 -2.86 43.99 -16.16
CA LYS A 469 -2.87 43.98 -16.16
C LYS A 469 -3.63 42.94 -15.34
N LEU A 470 -3.55 41.66 -15.75
CA LEU A 470 -4.25 40.57 -15.04
C LEU A 470 -3.67 40.42 -13.66
N ILE A 471 -2.36 40.60 -13.52
CA ILE A 471 -1.73 40.55 -12.23
C ILE A 471 -2.09 41.73 -11.36
N GLN A 472 -2.08 42.93 -11.96
CA GLN A 472 -2.54 44.13 -11.26
C GLN A 472 -3.94 44.00 -10.70
N LEU A 473 -4.86 43.49 -11.52
CA LEU A 473 -6.25 43.34 -11.13
C LEU A 473 -6.40 42.37 -9.94
N ARG A 474 -5.55 41.35 -9.90
CA ARG A 474 -5.60 40.38 -8.82
C ARG A 474 -5.21 41.00 -7.50
N LYS A 475 -4.24 41.91 -7.52
CA LYS A 475 -3.86 42.64 -6.32
C LYS A 475 -4.89 43.72 -5.91
N GLN A 476 -5.72 44.15 -6.84
CA GLN A 476 -6.67 45.27 -6.61
C GLN A 476 -8.07 44.78 -6.19
N TYR A 477 -8.52 43.67 -6.79
CA TYR A 477 -9.81 43.10 -6.55
C TYR A 477 -9.71 41.78 -5.77
N LYS A 478 -9.90 41.85 -4.46
CA LYS A 478 -9.84 40.67 -3.62
C LYS A 478 -10.79 39.56 -4.06
N ILE A 479 -11.88 39.87 -4.76
CA ILE A 479 -12.75 38.83 -5.34
C ILE A 479 -12.01 37.81 -6.24
N MET A 480 -10.97 38.26 -6.93
CA MET A 480 -10.21 37.37 -7.78
C MET A 480 -9.48 36.27 -6.96
N ILE A 481 -9.02 36.62 -5.75
CA ILE A 481 -8.37 35.69 -4.86
C ILE A 481 -9.34 34.89 -3.99
N TYR A 482 -10.35 35.52 -3.40
CA TYR A 482 -11.20 34.86 -2.41
C TYR A 482 -12.63 34.54 -2.81
N GLY A 483 -13.04 34.95 -4.00
CA GLY A 483 -14.38 34.61 -4.47
C GLY A 483 -14.57 33.13 -4.69
N ASP A 484 -15.84 32.71 -4.71
CA ASP A 484 -16.19 31.34 -5.05
C ASP A 484 -16.22 31.18 -6.56
N TYR A 485 -16.65 30.02 -7.07
CA TYR A 485 -16.65 29.77 -8.52
C TYR A 485 -17.93 29.08 -8.97
N GLN A 486 -18.40 29.42 -10.17
CA GLN A 486 -19.61 28.81 -10.72
C GLN A 486 -19.57 28.80 -12.25
N LEU A 487 -19.57 27.61 -12.83
CA LEU A 487 -19.59 27.48 -14.29
C LEU A 487 -20.94 27.94 -14.84
N LEU A 488 -20.90 28.63 -15.98
CA LEU A 488 -22.09 29.06 -16.69
C LEU A 488 -22.10 28.51 -18.11
N GLN A 489 -23.28 28.44 -18.72
CA GLN A 489 -23.45 27.98 -20.09
C GLN A 489 -22.53 26.79 -20.32
N GLU A 490 -22.62 25.78 -19.46
CA GLU A 490 -21.59 24.72 -19.44
C GLU A 490 -21.50 23.89 -20.73
N ASN A 491 -22.61 23.79 -21.45
CA ASN A 491 -22.61 22.97 -22.66
C ASN A 491 -22.16 23.72 -23.93
N ASP A 492 -21.95 25.02 -23.83
CA ASP A 492 -21.45 25.81 -24.95
C ASP A 492 -20.12 25.25 -25.48
N PRO A 493 -20.09 24.86 -26.75
CA PRO A 493 -18.88 24.28 -27.31
C PRO A 493 -17.75 25.30 -27.64
N GLN A 494 -18.04 26.60 -27.57
CA GLN A 494 -17.09 27.68 -27.88
C GLN A 494 -16.74 28.52 -26.67
N VAL A 495 -17.72 28.86 -25.85
CA VAL A 495 -17.52 29.85 -24.78
C VAL A 495 -17.24 29.17 -23.45
N PHE A 496 -16.21 29.65 -22.79
CA PHE A 496 -15.92 29.24 -21.43
C PHE A 496 -16.27 30.44 -20.58
N SER A 497 -17.39 30.37 -19.87
CA SER A 497 -17.80 31.45 -18.97
C SER A 497 -18.04 30.93 -17.58
N TYR A 498 -17.72 31.78 -16.61
CA TYR A 498 -17.97 31.48 -15.23
C TYR A 498 -18.13 32.72 -14.36
N LEU A 499 -18.68 32.53 -13.17
CA LEU A 499 -18.86 33.60 -12.22
C LEU A 499 -18.06 33.40 -10.92
N ARG A 500 -17.48 34.49 -10.41
CA ARG A 500 -16.90 34.51 -9.03
C ARG A 500 -17.78 35.42 -8.15
N GLU A 501 -17.98 35.06 -6.89
CA GLU A 501 -18.76 35.90 -5.98
C GLU A 501 -18.09 36.02 -4.63
N TYR A 502 -18.15 37.24 -4.08
CA TYR A 502 -17.53 37.52 -2.80
C TYR A 502 -18.09 38.80 -2.18
N ARG A 503 -18.66 38.66 -0.99
CA ARG A 503 -19.11 39.79 -0.17
C ARG A 503 -20.04 40.73 -0.94
N GLY A 504 -20.97 40.15 -1.71
CA GLY A 504 -21.94 40.92 -2.50
C GLY A 504 -21.53 41.37 -3.88
N GLU A 505 -20.24 41.17 -4.20
CA GLU A 505 -19.67 41.54 -5.47
C GLU A 505 -19.59 40.30 -6.37
N LYS A 506 -19.69 40.49 -7.68
CA LYS A 506 -19.61 39.39 -8.66
C LYS A 506 -18.59 39.68 -9.73
N LEU A 507 -17.86 38.65 -10.15
CA LEU A 507 -16.87 38.76 -11.23
C LEU A 507 -17.22 37.78 -12.32
N LEU A 508 -17.56 38.29 -13.50
CA LEU A 508 -18.03 37.48 -14.62
C LEU A 508 -16.89 37.35 -15.63
N VAL A 509 -16.52 36.13 -15.97
CA VAL A 509 -15.47 35.92 -16.95
C VAL A 509 -16.12 35.25 -18.14
N VAL A 510 -15.98 35.82 -19.34
CA VAL A 510 -16.55 35.25 -20.57
C VAL A 510 -15.44 35.16 -21.62
N VAL A 511 -15.02 33.95 -21.99
CA VAL A 511 -13.92 33.79 -22.98
C VAL A 511 -14.31 32.84 -24.10
N ASN A 512 -14.21 33.31 -25.35
CA ASN A 512 -14.55 32.47 -26.52
C ASN A 512 -13.29 31.76 -26.86
N LEU A 513 -13.22 30.45 -26.66
CA LEU A 513 -11.98 29.72 -27.00
C LEU A 513 -12.24 28.96 -28.30
N SER A 514 -12.57 29.73 -29.32
CA SER A 514 -12.65 29.23 -30.67
C SER A 514 -12.37 30.37 -31.66
N GLU A 515 -12.13 29.99 -32.90
CA GLU A 515 -11.82 30.96 -33.93
C GLU A 515 -13.08 31.54 -34.61
N GLU A 516 -14.27 31.09 -34.23
CA GLU A 516 -15.51 31.64 -34.83
C GLU A 516 -16.21 32.60 -33.83
N LYS A 517 -17.03 33.50 -34.36
CA LYS A 517 -17.93 34.30 -33.55
C LYS A 517 -18.76 33.40 -32.61
N ALA A 518 -19.00 33.88 -31.40
CA ALA A 518 -19.82 33.15 -30.42
C ALA A 518 -20.79 34.11 -29.70
N LEU A 519 -21.82 33.56 -29.07
CA LEU A 519 -22.82 34.39 -28.41
C LEU A 519 -22.82 34.03 -26.94
N PHE A 520 -22.53 35.01 -26.08
CA PHE A 520 -22.76 34.82 -24.67
C PHE A 520 -24.05 35.49 -24.24
N GLU A 521 -24.93 34.75 -23.58
CA GLU A 521 -26.13 35.34 -22.97
C GLU A 521 -26.11 35.05 -21.50
N ALA A 522 -26.08 36.08 -20.66
CA ALA A 522 -26.06 35.88 -19.21
C ALA A 522 -27.33 35.17 -18.74
N PRO A 523 -27.19 34.33 -17.71
CA PRO A 523 -28.35 33.69 -17.16
C PRO A 523 -29.31 34.74 -16.61
N PRO A 524 -30.63 34.45 -16.63
CA PRO A 524 -31.72 35.33 -16.23
C PRO A 524 -31.46 36.13 -14.97
N GLU A 525 -30.78 35.52 -14.00
CA GLU A 525 -30.59 36.14 -12.69
C GLU A 525 -29.49 37.18 -12.71
N LEU A 526 -28.71 37.23 -13.76
CA LEU A 526 -27.69 38.28 -13.90
C LEU A 526 -28.02 39.38 -14.91
N ILE A 527 -29.15 39.24 -15.60
CA ILE A 527 -29.59 40.17 -16.63
C ILE A 527 -29.56 41.63 -16.21
N HIS A 528 -29.96 41.94 -14.97
CA HIS A 528 -30.00 43.32 -14.49
C HIS A 528 -28.89 43.79 -13.61
N GLU A 529 -27.78 43.07 -13.67
CA GLU A 529 -26.55 43.54 -13.05
C GLU A 529 -25.97 44.64 -13.93
N ARG A 530 -25.29 45.60 -13.31
CA ARG A 530 -24.48 46.56 -14.06
C ARG A 530 -23.03 46.20 -13.82
N TRP A 531 -22.22 46.35 -14.88
CA TRP A 531 -20.86 45.85 -14.91
C TRP A 531 -19.89 46.95 -15.29
N LYS A 532 -18.70 46.87 -14.71
CA LYS A 532 -17.53 47.60 -15.20
C LYS A 532 -16.55 46.61 -15.83
N VAL A 533 -16.28 46.77 -17.12
CA VAL A 533 -15.31 45.89 -17.79
C VAL A 533 -13.93 46.14 -17.18
N LEU A 534 -13.29 45.11 -16.62
CA LEU A 534 -11.94 45.26 -16.04
C LEU A 534 -10.80 45.02 -17.04
N ILE A 535 -11.03 44.13 -18.00
CA ILE A 535 -10.06 43.82 -19.05
C ILE A 535 -10.70 43.13 -20.25
N SER A 536 -10.12 43.34 -21.42
CA SER A 536 -10.55 42.62 -22.59
C SER A 536 -9.47 42.68 -23.65
N ASN A 537 -9.43 41.65 -24.49
CA ASN A 537 -8.44 41.56 -25.57
C ASN A 537 -8.96 42.18 -26.89
N TYR A 538 -10.10 42.85 -26.82
CA TYR A 538 -10.59 43.75 -27.87
C TYR A 538 -11.08 45.07 -27.25
N PRO A 539 -11.23 46.12 -28.07
CA PRO A 539 -11.85 47.36 -27.57
C PRO A 539 -13.33 47.13 -27.25
N GLN A 540 -13.82 47.60 -26.10
CA GLN A 540 -15.13 47.19 -25.61
C GLN A 540 -16.02 48.39 -25.29
N ARG A 542 -19.78 49.41 -24.94
CA ARG A 542 -20.64 49.41 -23.76
C ARG A 542 -20.16 48.33 -22.83
N ALA A 543 -20.36 48.56 -21.53
CA ALA A 543 -20.17 47.53 -20.48
C ALA A 543 -21.50 46.77 -20.16
N ASP A 544 -22.21 46.40 -21.24
CA ASP A 544 -23.54 45.80 -21.20
C ASP A 544 -23.37 44.33 -21.56
N LEU A 545 -23.31 43.49 -20.53
CA LEU A 545 -22.89 42.12 -20.70
C LEU A 545 -24.02 41.11 -20.61
N LYS A 546 -25.27 41.52 -20.81
CA LYS A 546 -26.34 40.53 -20.77
C LYS A 546 -26.37 39.74 -22.06
N SER A 547 -25.71 40.27 -23.08
CA SER A 547 -25.64 39.66 -24.39
C SER A 547 -24.38 40.16 -25.10
N ILE A 548 -23.41 39.28 -25.31
CA ILE A 548 -22.14 39.65 -25.94
C ILE A 548 -21.88 38.82 -27.19
N SER A 549 -21.85 39.45 -28.35
CA SER A 549 -21.41 38.75 -29.57
CA SER A 549 -21.41 38.77 -29.57
C SER A 549 -19.89 38.75 -29.61
N LEU A 550 -19.32 37.60 -29.32
CA LEU A 550 -17.89 37.45 -29.12
C LEU A 550 -17.14 37.20 -30.43
N LYS A 551 -16.10 37.99 -30.67
CA LYS A 551 -15.24 37.84 -31.83
C LYS A 551 -14.26 36.70 -31.55
N PRO A 552 -13.52 36.22 -32.56
CA PRO A 552 -12.60 35.09 -32.37
C PRO A 552 -11.64 35.28 -31.22
N TYR A 553 -11.69 34.35 -30.29
CA TYR A 553 -10.89 34.39 -29.08
C TYR A 553 -11.09 35.59 -28.18
N GLU A 554 -12.28 36.21 -28.22
CA GLU A 554 -12.56 37.37 -27.41
C GLU A 554 -12.77 36.99 -25.96
N ALA A 555 -12.04 37.68 -25.09
CA ALA A 555 -12.10 37.55 -23.64
C ALA A 555 -12.62 38.85 -22.99
N VAL A 556 -13.56 38.70 -22.07
CA VAL A 556 -14.09 39.83 -21.26
C VAL A 556 -14.13 39.40 -19.78
N MET A 557 -13.64 40.27 -18.90
CA MET A 557 -13.81 40.06 -17.47
C MET A 557 -14.52 41.29 -16.97
N GLY A 558 -15.60 41.08 -16.22
CA GLY A 558 -16.38 42.20 -15.68
C GLY A 558 -16.66 42.06 -14.20
N ILE A 559 -16.71 43.21 -13.51
CA ILE A 559 -17.05 43.25 -12.11
C ILE A 559 -18.38 44.01 -11.89
N SER A 560 -19.26 43.45 -11.07
CA SER A 560 -20.52 44.09 -10.81
C SER A 560 -20.32 45.40 -10.02
N ILE A 561 -21.13 46.39 -10.37
CA ILE A 561 -21.15 47.65 -9.69
C ILE A 561 -22.58 47.94 -9.29
N GLU B 3 17.08 -25.55 21.10
CA GLU B 3 16.20 -25.82 19.93
C GLU B 3 15.29 -27.05 20.11
N TRP B 4 14.87 -27.29 21.35
CA TRP B 4 13.96 -28.38 21.66
C TRP B 4 12.64 -28.20 20.93
N TRP B 5 12.35 -26.97 20.51
CA TRP B 5 11.07 -26.66 19.84
C TRP B 5 11.02 -27.19 18.41
N LYS B 6 12.17 -27.49 17.84
CA LYS B 6 12.21 -28.12 16.53
C LYS B 6 11.71 -29.56 16.61
N GLU B 7 12.00 -30.23 17.73
CA GLU B 7 11.69 -31.64 17.91
C GLU B 7 10.41 -31.87 18.69
N ALA B 8 9.71 -30.80 19.06
CA ALA B 8 8.47 -30.91 19.80
C ALA B 8 7.30 -31.32 18.90
N VAL B 9 6.29 -31.90 19.54
CA VAL B 9 4.94 -32.00 18.98
C VAL B 9 4.02 -31.28 19.96
N VAL B 10 3.23 -30.36 19.41
CA VAL B 10 2.40 -29.48 20.21
C VAL B 10 0.94 -29.96 20.14
N TYR B 11 0.31 -29.96 21.30
CA TYR B 11 -1.11 -30.31 21.41
C TYR B 11 -1.82 -29.02 21.78
N GLN B 12 -2.77 -28.59 20.95
CA GLN B 12 -3.51 -27.34 21.24
C GLN B 12 -4.78 -27.67 21.99
N ILE B 13 -4.90 -27.10 23.18
CA ILE B 13 -6.11 -27.17 23.98
C ILE B 13 -6.87 -25.89 23.80
N TYR B 14 -8.17 -26.03 23.50
CA TYR B 14 -9.16 -24.97 23.58
C TYR B 14 -9.93 -25.20 24.88
N PRO B 15 -9.49 -24.57 25.98
CA PRO B 15 -9.83 -25.11 27.31
C PRO B 15 -11.29 -25.09 27.71
N ARG B 16 -12.07 -24.15 27.18
CA ARG B 16 -13.50 -24.12 27.48
C ARG B 16 -14.24 -25.29 26.89
N SER B 17 -13.62 -26.06 26.00
CA SER B 17 -14.29 -27.24 25.41
C SER B 17 -13.54 -28.57 25.63
N PHE B 18 -12.56 -28.58 26.54
CA PHE B 18 -11.70 -29.72 26.73
C PHE B 18 -12.25 -30.61 27.85
N TYR B 19 -12.19 -30.16 29.10
CA TYR B 19 -12.73 -30.95 30.18
C TYR B 19 -13.29 -30.15 31.37
N ASP B 20 -14.57 -30.34 31.65
CA ASP B 20 -15.23 -29.61 32.74
C ASP B 20 -15.16 -30.38 34.08
N ALA B 21 -14.20 -30.01 34.92
CA ALA B 21 -14.07 -30.63 36.25
C ALA B 21 -15.09 -30.14 37.27
N ASN B 22 -15.53 -28.89 37.22
CA ASN B 22 -16.38 -28.38 38.34
C ASN B 22 -17.88 -28.48 38.08
N GLY B 23 -18.26 -28.78 36.84
CA GLY B 23 -19.64 -29.22 36.59
C GLY B 23 -20.61 -28.16 36.08
N ASP B 24 -20.07 -27.03 35.67
CA ASP B 24 -20.89 -25.92 35.20
C ASP B 24 -21.07 -25.94 33.69
N GLY B 25 -20.57 -26.96 33.02
CA GLY B 25 -20.71 -27.03 31.57
C GLY B 25 -19.65 -26.27 30.81
N PHE B 26 -18.67 -25.74 31.54
CA PHE B 26 -17.59 -24.94 30.99
C PHE B 26 -16.23 -25.59 31.34
N GLY B 27 -15.46 -25.89 30.30
CA GLY B 27 -14.13 -26.48 30.45
C GLY B 27 -13.23 -25.61 31.34
N ASP B 28 -12.49 -26.22 32.24
CA ASP B 28 -11.75 -25.44 33.20
C ASP B 28 -10.31 -25.90 33.34
N LEU B 29 -9.52 -25.13 34.08
CA LEU B 29 -8.10 -25.43 34.29
C LEU B 29 -7.87 -26.74 35.06
N GLN B 30 -8.69 -26.99 36.08
CA GLN B 30 -8.58 -28.26 36.81
C GLN B 30 -8.92 -29.42 35.89
N GLY B 31 -9.82 -29.22 34.94
CA GLY B 31 -10.11 -30.24 33.94
C GLY B 31 -8.92 -30.56 33.05
N VAL B 32 -8.18 -29.52 32.66
CA VAL B 32 -6.94 -29.69 31.86
C VAL B 32 -5.93 -30.50 32.67
N ILE B 33 -5.77 -30.15 33.96
CA ILE B 33 -4.82 -30.86 34.83
C ILE B 33 -5.15 -32.36 34.90
N GLN B 34 -6.42 -32.69 35.04
CA GLN B 34 -6.86 -34.08 35.03
C GLN B 34 -6.58 -34.83 33.71
N LYS B 35 -6.41 -34.12 32.61
CA LYS B 35 -6.18 -34.75 31.33
C LYS B 35 -4.71 -34.63 30.83
N LEU B 36 -3.81 -34.16 31.70
CA LEU B 36 -2.37 -34.12 31.35
C LEU B 36 -1.83 -35.51 31.02
N ASP B 37 -2.10 -36.48 31.89
CA ASP B 37 -1.64 -37.85 31.65
C ASP B 37 -2.06 -38.38 30.28
N TYR B 38 -3.25 -37.99 29.82
CA TYR B 38 -3.74 -38.44 28.51
C TYR B 38 -2.93 -37.85 27.35
N ILE B 39 -2.61 -36.56 27.47
CA ILE B 39 -1.81 -35.89 26.46
C ILE B 39 -0.40 -36.49 26.42
N LYS B 40 0.21 -36.66 27.57
CA LYS B 40 1.53 -37.26 27.62
C LYS B 40 1.52 -38.63 26.99
N ASN B 41 0.51 -39.42 27.29
CA ASN B 41 0.39 -40.74 26.66
C ASN B 41 0.33 -40.70 25.15
N LEU B 42 -0.35 -39.68 24.60
CA LEU B 42 -0.41 -39.48 23.18
C LEU B 42 1.02 -39.26 22.68
N GLY B 43 1.77 -38.46 23.43
CA GLY B 43 3.18 -38.22 23.14
C GLY B 43 3.60 -36.78 22.98
N ALA B 44 2.64 -35.87 22.90
CA ALA B 44 2.95 -34.43 22.79
C ALA B 44 3.75 -33.99 24.01
N ASP B 45 4.77 -33.15 23.81
CA ASP B 45 5.60 -32.68 24.91
C ASP B 45 5.48 -31.15 25.12
N VAL B 46 4.63 -30.53 24.32
CA VAL B 46 4.23 -29.13 24.53
C VAL B 46 2.72 -28.98 24.35
N ILE B 47 2.11 -28.23 25.24
CA ILE B 47 0.71 -27.87 25.16
CA ILE B 47 0.71 -27.88 25.08
C ILE B 47 0.60 -26.37 24.93
N TRP B 48 -0.19 -25.97 23.94
CA TRP B 48 -0.54 -24.56 23.75
C TRP B 48 -1.98 -24.43 24.16
N LEU B 49 -2.24 -23.50 25.06
CA LEU B 49 -3.55 -23.31 25.64
C LEU B 49 -4.15 -22.03 25.06
N SER B 50 -5.28 -22.16 24.39
CA SER B 50 -6.04 -20.99 23.97
C SER B 50 -6.31 -20.11 25.23
N PRO B 51 -6.58 -18.80 25.03
CA PRO B 51 -6.54 -17.82 26.14
C PRO B 51 -7.57 -18.01 27.23
N VAL B 52 -7.06 -18.04 28.46
CA VAL B 52 -7.84 -18.23 29.68
C VAL B 52 -7.84 -16.99 30.57
N PHE B 53 -7.29 -15.90 30.05
CA PHE B 53 -7.23 -14.62 30.75
C PHE B 53 -8.63 -14.01 30.83
N ASP B 54 -8.82 -13.09 31.77
CA ASP B 54 -10.14 -12.50 32.02
C ASP B 54 -10.64 -11.83 30.74
N SER B 55 -11.93 -12.02 30.46
CA SER B 55 -12.48 -11.67 29.18
C SER B 55 -13.99 -11.77 29.23
N PRO B 56 -14.70 -10.75 28.73
CA PRO B 56 -16.15 -10.88 28.57
C PRO B 56 -16.56 -11.89 27.52
N GLN B 57 -15.62 -12.54 26.86
CA GLN B 57 -15.90 -13.65 25.96
C GLN B 57 -16.70 -13.28 24.70
N ASP B 58 -16.64 -12.03 24.25
CA ASP B 58 -17.22 -11.67 22.95
C ASP B 58 -16.61 -12.55 21.85
N ASP B 59 -15.30 -12.75 21.94
CA ASP B 59 -14.59 -13.69 21.05
C ASP B 59 -13.89 -14.82 21.82
N ASN B 60 -14.59 -15.34 22.83
CA ASN B 60 -14.18 -16.55 23.58
C ASN B 60 -12.72 -16.56 23.94
N GLY B 61 -12.31 -15.49 24.63
CA GLY B 61 -11.00 -15.40 25.25
C GLY B 61 -10.09 -14.44 24.55
N TYR B 62 -10.34 -14.22 23.26
CA TYR B 62 -9.43 -13.40 22.45
C TYR B 62 -9.75 -11.90 22.55
N ASP B 63 -10.66 -11.53 23.46
CA ASP B 63 -10.94 -10.15 23.86
C ASP B 63 -10.66 -10.00 25.36
N ILE B 64 -9.41 -9.74 25.68
CA ILE B 64 -8.91 -9.81 27.05
C ILE B 64 -9.11 -8.51 27.81
N SER B 65 -9.61 -8.61 29.00
CA SER B 65 -9.81 -7.43 29.85
C SER B 65 -8.82 -7.36 31.00
N ASP B 66 -8.12 -8.46 31.27
CA ASP B 66 -7.04 -8.47 32.27
C ASP B 66 -6.03 -9.54 31.89
N TYR B 67 -4.80 -9.12 31.57
CA TYR B 67 -3.73 -10.03 31.20
C TYR B 67 -3.13 -10.78 32.39
N LYS B 68 -3.40 -10.36 33.62
CA LYS B 68 -2.73 -10.97 34.78
C LYS B 68 -3.67 -11.71 35.76
N ASN B 69 -4.87 -12.06 35.31
CA ASN B 69 -5.79 -12.92 36.07
C ASN B 69 -6.56 -13.77 35.10
N MET B 70 -7.08 -14.88 35.63
CA MET B 70 -7.87 -15.82 34.85
C MET B 70 -9.30 -15.35 34.83
N TYR B 71 -9.98 -15.68 33.76
CA TYR B 71 -11.43 -15.56 33.70
C TYR B 71 -12.00 -16.54 34.72
N GLU B 72 -13.04 -16.09 35.43
CA GLU B 72 -13.66 -16.79 36.56
C GLU B 72 -14.02 -18.26 36.26
N LYS B 73 -14.59 -18.51 35.08
CA LYS B 73 -15.03 -19.84 34.74
C LYS B 73 -13.92 -20.84 34.49
N PHE B 74 -12.70 -20.40 34.20
CA PHE B 74 -11.55 -21.31 34.06
C PHE B 74 -10.94 -21.63 35.41
N GLY B 75 -11.12 -20.73 36.38
CA GLY B 75 -10.59 -20.93 37.71
C GLY B 75 -9.86 -19.68 38.15
N THR B 76 -8.95 -19.83 39.10
CA THR B 76 -8.16 -18.69 39.60
C THR B 76 -6.72 -18.72 39.08
N ASN B 77 -5.92 -17.75 39.48
CA ASN B 77 -4.49 -17.85 39.25
C ASN B 77 -3.80 -19.04 39.95
N GLU B 78 -4.22 -19.37 41.17
CA GLU B 78 -3.71 -20.54 41.86
C GLU B 78 -3.92 -21.83 41.01
N ASP B 79 -4.98 -21.89 40.21
CA ASP B 79 -5.19 -23.06 39.32
C ASP B 79 -4.22 -23.04 38.14
N MET B 80 -3.92 -21.83 37.66
CA MET B 80 -3.01 -21.68 36.52
C MET B 80 -1.59 -22.03 36.91
N PHE B 81 -1.10 -21.49 38.03
CA PHE B 81 0.24 -21.82 38.53
C PHE B 81 0.36 -23.33 38.78
N GLN B 82 -0.73 -23.96 39.23
CA GLN B 82 -0.76 -25.39 39.41
C GLN B 82 -0.69 -26.10 38.06
N LEU B 83 -1.41 -25.62 37.06
CA LEU B 83 -1.36 -26.24 35.74
C LEU B 83 0.08 -26.20 35.23
N ILE B 84 0.74 -25.06 35.44
CA ILE B 84 2.15 -24.89 35.04
C ILE B 84 3.05 -25.92 35.72
N ASP B 85 2.94 -26.03 37.03
CA ASP B 85 3.75 -27.01 37.78
CA ASP B 85 3.78 -26.97 37.76
C ASP B 85 3.45 -28.43 37.35
N GLU B 86 2.16 -28.75 37.13
CA GLU B 86 1.76 -30.11 36.73
C GLU B 86 2.31 -30.49 35.37
N VAL B 87 2.34 -29.52 34.46
CA VAL B 87 2.90 -29.71 33.12
C VAL B 87 4.41 -29.96 33.21
N HIS B 88 5.11 -29.16 34.00
CA HIS B 88 6.55 -29.33 34.20
C HIS B 88 6.89 -30.60 34.94
N LYS B 89 5.99 -31.04 35.83
CA LYS B 89 6.20 -32.27 36.60
C LYS B 89 6.18 -33.50 35.69
N ARG B 90 5.48 -33.39 34.58
CA ARG B 90 5.43 -34.47 33.60
C ARG B 90 6.44 -34.29 32.48
N GLY B 91 7.37 -33.36 32.63
CA GLY B 91 8.37 -33.13 31.60
C GLY B 91 7.82 -32.47 30.35
N MET B 92 6.72 -31.74 30.49
CA MET B 92 6.13 -31.09 29.33
C MET B 92 6.35 -29.59 29.44
N LYS B 93 6.03 -28.88 28.35
CA LYS B 93 6.10 -27.42 28.30
C LYS B 93 4.71 -26.87 28.02
N ILE B 94 4.51 -25.64 28.48
CA ILE B 94 3.23 -24.95 28.30
C ILE B 94 3.42 -23.58 27.64
N VAL B 95 2.67 -23.40 26.57
CA VAL B 95 2.72 -22.24 25.73
C VAL B 95 1.37 -21.57 25.86
N MET B 96 1.38 -20.30 26.27
CA MET B 96 0.16 -19.53 26.41
C MET B 96 -0.08 -18.71 25.14
N ASP B 97 -1.31 -18.24 24.97
CA ASP B 97 -1.70 -17.45 23.82
C ASP B 97 -1.55 -15.95 24.15
N LEU B 98 -0.61 -15.28 23.46
CA LEU B 98 -0.38 -13.84 23.64
C LEU B 98 -1.24 -13.12 22.62
N VAL B 99 -2.19 -12.33 23.13
CA VAL B 99 -3.17 -11.61 22.31
C VAL B 99 -2.98 -10.11 22.49
N VAL B 100 -2.12 -9.50 21.67
CA VAL B 100 -1.73 -8.12 21.91
C VAL B 100 -1.87 -7.17 20.72
N ASN B 101 -2.57 -7.62 19.68
CA ASN B 101 -3.04 -6.74 18.62
C ASN B 101 -4.18 -5.87 19.10
N HIS B 102 -4.99 -6.44 20.00
CA HIS B 102 -6.16 -5.77 20.56
C HIS B 102 -6.39 -6.23 21.97
N THR B 103 -7.19 -5.45 22.69
CA THR B 103 -7.72 -5.84 23.99
C THR B 103 -9.23 -5.77 23.91
N SER B 104 -9.89 -6.21 24.97
CA SER B 104 -11.32 -6.05 25.12
C SER B 104 -11.58 -4.59 25.34
N ASP B 105 -12.73 -4.11 24.87
CA ASP B 105 -13.12 -2.73 25.18
C ASP B 105 -13.42 -2.59 26.68
N GLU B 106 -13.54 -3.70 27.39
CA GLU B 106 -13.69 -3.64 28.85
C GLU B 106 -12.36 -3.73 29.58
N HIS B 107 -11.24 -3.69 28.87
CA HIS B 107 -9.96 -3.57 29.55
C HIS B 107 -9.90 -2.21 30.28
N ALA B 108 -9.25 -2.17 31.46
CA ALA B 108 -9.09 -0.90 32.21
C ALA B 108 -8.51 0.23 31.35
N TRP B 109 -7.51 -0.11 30.54
CA TRP B 109 -6.87 0.83 29.60
C TRP B 109 -7.85 1.48 28.63
N PHE B 110 -8.76 0.70 28.05
CA PHE B 110 -9.71 1.23 27.08
C PHE B 110 -10.81 1.98 27.78
N ALA B 111 -11.19 1.56 28.98
CA ALA B 111 -12.23 2.27 29.76
C ALA B 111 -11.80 3.72 30.07
N GLU B 112 -10.50 3.94 30.29
CA GLU B 112 -9.96 5.28 30.44
C GLU B 112 -9.81 5.94 29.08
N SER B 113 -9.11 5.28 28.17
CA SER B 113 -8.90 5.80 26.82
C SER B 113 -10.16 6.41 26.18
N ARG B 114 -11.32 5.77 26.36
CA ARG B 114 -12.54 6.24 25.70
C ARG B 114 -13.12 7.52 26.35
N LYS B 115 -12.65 7.87 27.56
CA LYS B 115 -13.26 8.95 28.35
C LYS B 115 -13.07 10.35 27.76
N SER B 116 -11.86 10.69 27.36
CA SER B 116 -11.61 11.96 26.67
C SER B 116 -10.29 11.92 25.92
N LYS B 117 -10.13 12.88 25.02
CA LYS B 117 -8.90 13.01 24.26
C LYS B 117 -7.71 13.36 25.18
N ASP B 118 -8.00 14.02 26.30
CA ASP B 118 -6.96 14.41 27.26
C ASP B 118 -6.62 13.34 28.30
N ASN B 119 -7.29 12.20 28.27
CA ASN B 119 -7.01 11.09 29.20
C ASN B 119 -5.62 10.44 28.97
N PRO B 120 -4.87 10.13 30.07
CA PRO B 120 -3.51 9.57 29.92
C PRO B 120 -3.41 8.33 29.02
N TYR B 121 -4.45 7.52 28.99
CA TYR B 121 -4.48 6.27 28.21
C TYR B 121 -5.10 6.47 26.81
N ARG B 122 -5.40 7.70 26.41
CA ARG B 122 -6.08 7.93 25.13
C ARG B 122 -5.35 7.28 23.94
N ASP B 123 -4.02 7.33 23.95
CA ASP B 123 -3.22 6.87 22.81
C ASP B 123 -2.74 5.42 22.98
N TYR B 124 -3.32 4.68 23.92
CA TYR B 124 -3.08 3.24 23.99
C TYR B 124 -3.82 2.55 22.85
N TYR B 125 -4.72 3.30 22.20
CA TYR B 125 -5.59 2.78 21.16
C TYR B 125 -5.56 3.76 19.99
N LEU B 126 -6.31 3.44 18.95
CA LEU B 126 -6.22 4.18 17.69
C LEU B 126 -7.48 4.93 17.36
N TRP B 127 -7.45 6.23 17.66
CA TRP B 127 -8.59 7.12 17.41
C TRP B 127 -8.37 8.03 16.21
N LYS B 128 -9.42 8.21 15.41
CA LYS B 128 -9.43 9.10 14.25
C LYS B 128 -10.75 9.88 14.17
N ASP B 129 -10.69 11.09 13.64
CA ASP B 129 -11.89 11.90 13.42
C ASP B 129 -12.75 11.26 12.34
N PRO B 130 -14.04 11.61 12.32
CA PRO B 130 -14.88 11.21 11.20
C PRO B 130 -14.50 11.98 9.97
N LYS B 131 -15.03 11.55 8.83
CA LYS B 131 -14.97 12.38 7.65
C LYS B 131 -15.94 13.53 7.81
N PRO B 132 -15.76 14.62 7.04
CA PRO B 132 -16.66 15.76 7.16
C PRO B 132 -18.14 15.37 7.19
N ASP B 133 -18.57 14.48 6.30
CA ASP B 133 -19.96 13.98 6.31
C ASP B 133 -20.31 13.00 7.48
N GLY B 134 -19.45 12.87 8.48
CA GLY B 134 -19.74 12.02 9.64
C GLY B 134 -19.35 10.56 9.53
N SER B 135 -19.09 10.07 8.30
CA SER B 135 -18.76 8.67 8.07
C SER B 135 -17.34 8.30 8.56
N GLU B 136 -17.02 7.02 8.45
CA GLU B 136 -15.80 6.45 9.02
C GLU B 136 -14.56 6.96 8.31
N PRO B 137 -13.41 7.04 9.03
CA PRO B 137 -12.22 7.63 8.46
C PRO B 137 -11.77 7.02 7.10
N ASN B 138 -12.07 5.74 6.87
CA ASN B 138 -11.77 5.08 5.60
C ASN B 138 -12.69 3.88 5.38
N ASN B 139 -12.43 3.12 4.31
CA ASN B 139 -13.32 2.03 3.90
C ASN B 139 -12.84 0.65 4.36
N TRP B 140 -12.07 0.61 5.45
CA TRP B 140 -11.54 -0.64 6.00
C TRP B 140 -12.63 -1.42 6.73
N GLY B 141 -12.69 -2.72 6.44
CA GLY B 141 -13.67 -3.61 7.05
C GLY B 141 -13.08 -4.42 8.21
N SER B 142 -13.97 -5.00 9.01
CA SER B 142 -13.58 -5.88 10.10
C SER B 142 -13.56 -7.31 9.55
N ILE B 143 -12.63 -8.11 10.07
CA ILE B 143 -12.59 -9.51 9.68
C ILE B 143 -13.93 -10.15 10.08
N PHE B 144 -14.56 -9.65 11.14
CA PHE B 144 -15.90 -10.09 11.55
C PHE B 144 -17.07 -9.25 11.03
N SER B 145 -16.94 -8.71 9.82
CA SER B 145 -18.03 -8.05 9.10
C SER B 145 -18.17 -6.58 9.46
N GLY B 146 -18.69 -5.80 8.52
CA GLY B 146 -18.98 -4.37 8.74
C GLY B 146 -17.71 -3.52 8.83
N SER B 147 -17.81 -2.33 9.42
CA SER B 147 -16.66 -1.40 9.45
C SER B 147 -15.59 -1.84 10.46
N ALA B 148 -14.34 -1.48 10.19
CA ALA B 148 -13.27 -1.61 11.16
C ALA B 148 -13.25 -0.44 12.15
N TRP B 149 -14.21 0.48 12.03
CA TRP B 149 -14.28 1.67 12.87
C TRP B 149 -15.62 1.75 13.64
N THR B 150 -15.56 2.13 14.92
CA THR B 150 -16.73 2.31 15.75
C THR B 150 -16.69 3.67 16.38
N TYR B 151 -17.84 4.36 16.35
CA TYR B 151 -17.96 5.75 16.78
C TYR B 151 -18.17 5.89 18.28
N ASP B 152 -17.47 6.82 18.93
CA ASP B 152 -17.72 7.12 20.35
C ASP B 152 -18.41 8.46 20.50
N GLU B 153 -19.73 8.46 20.75
CA GLU B 153 -20.54 9.70 20.83
C GLU B 153 -19.92 10.72 21.79
N GLY B 154 -19.28 10.23 22.85
CA GLY B 154 -18.70 11.09 23.87
C GLY B 154 -17.55 11.97 23.41
N THR B 155 -16.63 11.43 22.60
CA THR B 155 -15.48 12.22 22.13
C THR B 155 -15.54 12.52 20.64
N GLY B 156 -16.61 12.09 19.97
CA GLY B 156 -16.81 12.42 18.56
C GLY B 156 -15.75 11.85 17.64
N GLN B 157 -15.10 10.77 18.07
CA GLN B 157 -14.06 10.08 17.26
C GLN B 157 -14.39 8.61 17.07
N TYR B 158 -13.83 8.00 16.03
CA TYR B 158 -13.91 6.55 15.86
C TYR B 158 -12.68 5.88 16.44
N TYR B 159 -12.83 4.64 16.90
CA TYR B 159 -11.68 3.80 17.26
C TYR B 159 -11.60 2.59 16.33
N LEU B 160 -10.39 2.06 16.17
CA LEU B 160 -10.14 1.04 15.17
C LEU B 160 -10.32 -0.30 15.79
N HIS B 161 -10.95 -1.22 15.05
CA HIS B 161 -10.97 -2.64 15.40
C HIS B 161 -11.01 -3.58 14.17
N TYR B 162 -9.91 -4.29 13.98
CA TYR B 162 -9.80 -5.23 12.87
C TYR B 162 -10.83 -6.35 13.07
N PHE B 163 -11.10 -6.66 14.32
CA PHE B 163 -12.05 -7.69 14.67
C PHE B 163 -13.35 -7.16 15.23
N SER B 164 -13.85 -7.69 16.35
CA SER B 164 -15.16 -7.21 16.87
C SER B 164 -15.08 -5.80 17.43
N LYS B 165 -16.24 -5.12 17.51
CA LYS B 165 -16.34 -3.79 18.10
C LYS B 165 -15.81 -3.82 19.54
N LYS B 166 -15.83 -4.99 20.16
CA LYS B 166 -15.39 -5.15 21.55
C LYS B 166 -13.92 -5.60 21.63
N GLN B 167 -13.19 -5.38 20.55
CA GLN B 167 -11.77 -5.69 20.47
C GLN B 167 -11.04 -4.52 19.85
N PRO B 168 -10.94 -3.39 20.58
CA PRO B 168 -10.19 -2.26 20.06
C PRO B 168 -8.72 -2.58 19.88
N ASP B 169 -8.16 -2.24 18.72
CA ASP B 169 -6.75 -2.49 18.49
C ASP B 169 -5.86 -1.59 19.34
N LEU B 170 -4.76 -2.15 19.81
CA LEU B 170 -3.75 -1.39 20.50
C LEU B 170 -2.92 -0.52 19.55
N ASN B 171 -2.28 0.49 20.12
CA ASN B 171 -1.44 1.39 19.38
C ASN B 171 0.04 1.12 19.64
N TRP B 172 0.59 0.21 18.86
CA TRP B 172 1.98 -0.16 18.99
C TRP B 172 2.97 0.98 18.75
N GLU B 173 2.52 2.07 18.13
CA GLU B 173 3.37 3.25 17.91
C GLU B 173 3.71 3.89 19.26
N ASN B 174 2.84 3.68 20.23
CA ASN B 174 3.08 4.13 21.59
C ASN B 174 4.04 3.19 22.31
N GLU B 175 5.17 3.73 22.73
CA GLU B 175 6.17 2.99 23.52
C GLU B 175 5.65 2.54 24.87
N ALA B 176 4.71 3.28 25.44
CA ALA B 176 4.03 2.85 26.65
C ALA B 176 3.35 1.50 26.46
N VAL B 177 2.62 1.34 25.36
CA VAL B 177 1.86 0.09 25.16
C VAL B 177 2.78 -1.09 24.93
N ARG B 178 3.91 -0.88 24.25
CA ARG B 178 4.84 -1.97 24.04
C ARG B 178 5.48 -2.41 25.37
N ARG B 179 5.93 -1.45 26.19
CA ARG B 179 6.49 -1.77 27.53
C ARG B 179 5.46 -2.54 28.35
N GLU B 180 4.22 -2.12 28.26
CA GLU B 180 3.13 -2.80 28.90
C GLU B 180 2.99 -4.28 28.44
N VAL B 181 3.02 -4.51 27.14
CA VAL B 181 2.99 -5.86 26.62
C VAL B 181 4.18 -6.65 27.18
N TYR B 182 5.37 -6.07 27.16
CA TYR B 182 6.58 -6.81 27.62
C TYR B 182 6.51 -7.15 29.11
N ASP B 183 6.00 -6.23 29.92
CA ASP B 183 5.66 -6.51 31.34
C ASP B 183 4.73 -7.72 31.50
N VAL B 184 3.69 -7.79 30.68
CA VAL B 184 2.78 -8.95 30.66
C VAL B 184 3.53 -10.24 30.32
N MET B 185 4.32 -10.20 29.27
CA MET B 185 5.11 -11.38 28.90
C MET B 185 6.03 -11.78 30.05
N ARG B 186 6.74 -10.81 30.62
CA ARG B 186 7.67 -11.09 31.69
C ARG B 186 7.01 -11.71 32.89
N PHE B 187 5.83 -11.19 33.24
CA PHE B 187 5.08 -11.67 34.40
C PHE B 187 4.90 -13.17 34.32
N TRP B 188 4.44 -13.65 33.18
CA TRP B 188 4.05 -15.04 32.99
C TRP B 188 5.24 -15.96 32.73
N MET B 189 6.24 -15.44 32.04
CA MET B 189 7.44 -16.23 31.81
C MET B 189 8.25 -16.41 33.11
N ASP B 190 8.20 -15.42 34.00
CA ASP B 190 8.81 -15.53 35.35
C ASP B 190 8.11 -16.55 36.23
N ARG B 191 6.89 -16.91 35.85
CA ARG B 191 6.09 -17.87 36.58
C ARG B 191 5.94 -19.19 35.79
N GLY B 192 6.80 -19.38 34.81
CA GLY B 192 7.03 -20.70 34.24
C GLY B 192 6.45 -20.93 32.87
N VAL B 193 5.75 -19.96 32.29
CA VAL B 193 5.24 -20.12 30.93
C VAL B 193 6.43 -20.26 29.97
N ASP B 194 6.44 -21.34 29.19
CA ASP B 194 7.62 -21.68 28.40
C ASP B 194 7.65 -21.03 27.03
N GLY B 195 6.61 -20.26 26.70
CA GLY B 195 6.56 -19.64 25.39
C GLY B 195 5.19 -19.07 25.05
N TRP B 196 5.09 -18.52 23.84
CA TRP B 196 3.86 -17.86 23.40
C TRP B 196 3.42 -18.27 21.99
N ARG B 197 2.12 -18.42 21.83
CA ARG B 197 1.50 -18.41 20.52
C ARG B 197 0.90 -17.01 20.38
N MET B 198 1.32 -16.28 19.36
CA MET B 198 1.01 -14.84 19.27
C MET B 198 -0.12 -14.63 18.28
N ASP B 199 -1.29 -14.28 18.81
CA ASP B 199 -2.51 -14.07 18.05
C ASP B 199 -2.40 -12.88 17.08
N VAL B 200 -2.84 -13.13 15.84
CA VAL B 200 -2.75 -12.26 14.66
C VAL B 200 -1.60 -11.25 14.72
N ILE B 201 -0.39 -11.77 14.93
CA ILE B 201 0.78 -10.93 15.23
C ILE B 201 1.09 -10.09 14.01
N GLY B 202 0.60 -10.55 12.84
CA GLY B 202 0.80 -9.84 11.58
C GLY B 202 0.12 -8.49 11.44
N SER B 203 -0.80 -8.20 12.37
CA SER B 203 -1.57 -6.96 12.36
C SER B 203 -1.05 -5.82 13.29
N ILE B 204 -0.09 -6.10 14.17
CA ILE B 204 0.22 -5.14 15.25
C ILE B 204 0.75 -3.78 14.79
N SER B 205 1.36 -3.77 13.61
CA SER B 205 1.80 -2.57 12.93
C SER B 205 0.80 -2.12 11.82
N LYS B 206 0.39 -0.84 11.93
CA LYS B 206 -0.58 -0.21 11.07
C LYS B 206 0.11 0.78 10.14
N TYR B 207 -0.50 0.99 8.99
CA TYR B 207 -0.13 2.13 8.16
C TYR B 207 -0.82 3.33 8.79
N THR B 208 -0.05 4.14 9.51
CA THR B 208 -0.64 5.22 10.31
C THR B 208 -1.40 6.34 9.53
N ASP B 209 -1.33 6.32 8.20
CA ASP B 209 -2.21 7.12 7.32
C ASP B 209 -3.60 6.57 7.09
N PHE B 210 -3.79 5.29 7.37
CA PHE B 210 -5.07 4.60 7.17
C PHE B 210 -5.62 4.82 5.79
N PRO B 211 -4.82 4.51 4.78
CA PRO B 211 -5.19 4.80 3.40
C PRO B 211 -6.32 3.94 2.91
N ASP B 212 -7.34 4.54 2.28
CA ASP B 212 -8.42 3.80 1.61
C ASP B 212 -7.88 2.72 0.66
N TYR B 213 -8.71 1.71 0.40
CA TYR B 213 -8.45 0.75 -0.67
C TYR B 213 -9.03 1.29 -1.96
N GLU B 214 -8.49 0.88 -3.10
CA GLU B 214 -9.15 1.09 -4.38
C GLU B 214 -10.50 0.38 -4.35
N THR B 215 -11.52 1.03 -4.90
CA THR B 215 -12.85 0.46 -4.95
C THR B 215 -13.46 0.75 -6.33
N ARG B 219 -17.78 -4.65 -1.61
CA ARG B 219 -18.14 -3.37 -2.16
C ARG B 219 -18.00 -2.18 -1.19
N SER B 220 -18.50 -2.34 0.04
CA SER B 220 -18.59 -1.25 1.01
C SER B 220 -17.40 -1.12 1.95
N TYR B 221 -17.05 -2.23 2.60
CA TYR B 221 -15.87 -2.27 3.45
C TYR B 221 -14.94 -3.34 2.92
N ILE B 222 -13.64 -3.08 3.01
CA ILE B 222 -12.65 -3.92 2.37
C ILE B 222 -11.63 -4.38 3.41
N VAL B 223 -11.26 -5.66 3.34
CA VAL B 223 -10.11 -6.18 4.10
C VAL B 223 -9.04 -6.55 3.08
N GLY B 224 -7.80 -6.16 3.32
CA GLY B 224 -6.76 -6.28 2.30
C GLY B 224 -5.34 -6.09 2.82
N ARG B 225 -4.46 -5.61 1.94
CA ARG B 225 -3.01 -5.58 2.21
C ARG B 225 -2.59 -4.77 3.46
N TYR B 226 -3.38 -3.78 3.85
CA TYR B 226 -2.99 -2.91 4.96
C TYR B 226 -3.27 -3.54 6.30
N HIS B 227 -4.08 -4.61 6.31
CA HIS B 227 -4.49 -5.27 7.56
C HIS B 227 -3.41 -6.19 8.13
N SER B 228 -2.27 -6.31 7.44
CA SER B 228 -1.13 -7.04 7.99
C SER B 228 0.17 -6.58 7.34
N ASN B 229 1.29 -7.00 7.91
CA ASN B 229 2.60 -6.68 7.36
C ASN B 229 2.82 -5.17 7.24
N GLY B 230 2.63 -4.50 8.36
CA GLY B 230 2.87 -3.08 8.45
C GLY B 230 4.35 -2.75 8.39
N PRO B 231 4.68 -1.46 8.18
CA PRO B 231 6.05 -1.00 7.99
C PRO B 231 6.94 -1.19 9.21
N ARG B 232 6.34 -1.36 10.38
CA ARG B 232 7.09 -1.56 11.61
C ARG B 232 6.87 -2.91 12.28
N LEU B 233 6.18 -3.82 11.59
CA LEU B 233 5.89 -5.16 12.14
C LEU B 233 7.12 -5.85 12.68
N HIS B 234 8.13 -6.05 11.84
CA HIS B 234 9.32 -6.80 12.23
C HIS B 234 10.24 -6.01 13.13
N GLU B 235 10.18 -4.69 13.05
CA GLU B 235 10.88 -3.86 14.02
C GLU B 235 10.35 -4.18 15.45
N PHE B 236 9.03 -4.22 15.59
CA PHE B 236 8.41 -4.40 16.88
C PHE B 236 8.74 -5.79 17.43
N ILE B 237 8.60 -6.81 16.59
CA ILE B 237 8.95 -8.18 16.97
C ILE B 237 10.41 -8.27 17.37
N GLN B 238 11.29 -7.63 16.60
CA GLN B 238 12.74 -7.62 16.91
C GLN B 238 12.99 -6.96 18.26
N GLU B 239 12.18 -5.97 18.62
CA GLU B 239 12.29 -5.33 19.92
C GLU B 239 11.77 -6.27 20.99
N MET B 240 10.68 -6.95 20.69
CA MET B 240 10.12 -7.92 21.63
C MET B 240 11.15 -9.00 21.95
N ASN B 241 11.81 -9.52 20.93
CA ASN B 241 12.85 -10.52 21.13
C ASN B 241 13.97 -9.97 21.99
N ARG B 242 14.39 -8.75 21.69
CA ARG B 242 15.47 -8.10 22.41
C ARG B 242 15.11 -7.94 23.89
N GLU B 243 13.93 -7.38 24.12
CA GLU B 243 13.50 -7.02 25.46
C GLU B 243 13.03 -8.23 26.31
N VAL B 244 12.52 -9.28 25.67
CA VAL B 244 11.87 -10.37 26.41
C VAL B 244 12.37 -11.76 26.01
N LEU B 245 12.04 -12.19 24.80
CA LEU B 245 12.25 -13.57 24.38
C LEU B 245 13.68 -14.04 24.59
N SER B 246 14.65 -13.17 24.31
CA SER B 246 16.05 -13.48 24.52
C SER B 246 16.43 -13.66 25.98
N HIS B 247 15.58 -13.28 26.92
CA HIS B 247 15.91 -13.50 28.34
C HIS B 247 15.43 -14.86 28.91
N TYR B 248 14.78 -15.68 28.10
CA TYR B 248 14.24 -16.95 28.59
C TYR B 248 14.47 -18.04 27.58
N ASP B 249 14.66 -19.25 28.09
CA ASP B 249 14.64 -20.42 27.25
C ASP B 249 13.17 -20.66 26.85
N CYS B 250 12.76 -20.22 25.67
CA CYS B 250 11.35 -20.29 25.33
C CYS B 250 11.10 -20.70 23.89
N MET B 251 9.82 -20.76 23.54
CA MET B 251 9.41 -21.09 22.20
C MET B 251 8.39 -20.04 21.77
N THR B 252 8.45 -19.63 20.50
CA THR B 252 7.46 -18.72 19.94
C THR B 252 6.88 -19.17 18.60
N VAL B 253 5.57 -19.11 18.46
CA VAL B 253 4.92 -19.36 17.21
C VAL B 253 3.98 -18.19 16.98
N GLY B 254 4.16 -17.52 15.86
CA GLY B 254 3.30 -16.40 15.49
C GLY B 254 2.14 -16.86 14.63
N GLU B 255 0.94 -16.42 14.97
CA GLU B 255 -0.16 -16.57 14.04
C GLU B 255 0.01 -15.44 13.05
N ALA B 256 0.68 -15.74 11.95
CA ALA B 256 1.00 -14.76 10.93
C ALA B 256 -0.07 -14.69 9.87
N ASN B 257 -1.16 -13.98 10.19
CA ASN B 257 -2.17 -13.60 9.17
C ASN B 257 -1.53 -12.78 8.05
N GLY B 258 -1.93 -13.03 6.82
CA GLY B 258 -1.36 -12.33 5.68
C GLY B 258 0.05 -12.74 5.29
N SER B 259 0.57 -13.81 5.88
CA SER B 259 1.96 -14.23 5.60
C SER B 259 2.11 -15.08 4.33
N ASP B 260 3.15 -14.76 3.55
CA ASP B 260 3.59 -15.59 2.44
C ASP B 260 5.00 -16.08 2.76
N ILE B 261 5.56 -16.83 1.83
CA ILE B 261 6.83 -17.46 2.11
C ILE B 261 7.93 -16.44 2.39
N GLU B 262 7.95 -15.33 1.67
CA GLU B 262 8.95 -14.28 1.90
C GLU B 262 8.82 -13.71 3.31
N GLU B 263 7.59 -13.42 3.72
CA GLU B 263 7.33 -12.87 5.03
C GLU B 263 7.71 -13.88 6.10
N ALA B 264 7.43 -15.14 5.84
CA ALA B 264 7.80 -16.22 6.76
C ALA B 264 9.29 -16.25 7.08
N LYS B 265 10.13 -15.94 6.07
CA LYS B 265 11.57 -15.87 6.30
C LYS B 265 11.94 -14.71 7.16
N LYS B 266 11.21 -13.61 7.02
CA LYS B 266 11.44 -12.46 7.86
C LYS B 266 11.14 -12.81 9.31
N TYR B 267 10.05 -13.53 9.53
CA TYR B 267 9.64 -13.87 10.90
C TYR B 267 10.57 -14.89 11.53
N THR B 268 10.98 -15.89 10.74
CA THR B 268 11.56 -17.11 11.29
C THR B 268 13.07 -17.29 11.11
N ASP B 269 13.70 -16.58 10.19
CA ASP B 269 15.15 -16.67 10.00
C ASP B 269 15.79 -16.43 11.33
N ALA B 270 16.48 -17.44 11.84
CA ALA B 270 17.13 -17.34 13.13
C ALA B 270 17.96 -16.08 13.25
N SER B 271 18.65 -15.70 12.18
CA SER B 271 19.58 -14.58 12.23
C SER B 271 18.87 -13.26 12.44
N ARG B 272 17.57 -13.20 12.11
CA ARG B 272 16.80 -11.97 12.31
C ARG B 272 16.31 -11.80 13.75
N GLN B 273 16.43 -12.85 14.58
CA GLN B 273 16.09 -12.80 16.00
C GLN B 273 14.70 -12.26 16.24
N GLU B 274 13.73 -12.86 15.56
CA GLU B 274 12.32 -12.55 15.73
C GLU B 274 11.60 -13.74 16.40
N LEU B 275 10.97 -14.60 15.61
CA LEU B 275 10.21 -15.74 16.15
C LEU B 275 10.81 -17.08 15.70
N ASN B 276 10.39 -18.18 16.30
CA ASN B 276 10.94 -19.49 15.94
C ASN B 276 10.22 -20.10 14.76
N MET B 277 8.92 -19.83 14.66
CA MET B 277 8.06 -20.38 13.58
C MET B 277 6.75 -19.59 13.52
N ILE B 278 6.02 -19.71 12.42
CA ILE B 278 4.72 -19.07 12.31
C ILE B 278 3.67 -19.97 11.66
N PHE B 279 2.41 -19.73 11.99
CA PHE B 279 1.29 -20.35 11.27
C PHE B 279 1.01 -19.50 10.04
N THR B 280 0.85 -20.13 8.90
CA THR B 280 0.34 -19.44 7.73
C THR B 280 -1.07 -19.87 7.47
N PHE B 281 -1.75 -19.12 6.61
CA PHE B 281 -3.11 -19.44 6.21
C PHE B 281 -3.20 -19.91 4.78
N GLU B 282 -2.07 -19.89 4.09
CA GLU B 282 -2.07 -20.15 2.65
C GLU B 282 -2.62 -21.51 2.27
N HIS B 283 -2.25 -22.54 3.03
CA HIS B 283 -2.79 -23.92 2.79
C HIS B 283 -4.28 -24.04 3.19
N MET B 284 -4.67 -23.22 4.16
CA MET B 284 -6.08 -23.07 4.57
C MET B 284 -6.91 -22.28 3.57
N ASP B 285 -6.28 -21.43 2.75
CA ASP B 285 -7.00 -20.52 1.84
C ASP B 285 -7.34 -21.18 0.50
N ILE B 286 -6.85 -22.39 0.29
CA ILE B 286 -6.97 -23.04 -1.01
C ILE B 286 -8.40 -23.34 -1.38
N ASP B 287 -9.33 -23.38 -0.39
CA ASP B 287 -10.77 -23.63 -0.67
C ASP B 287 -11.67 -22.43 -0.47
N LYS B 288 -11.14 -21.24 -0.74
CA LYS B 288 -11.98 -20.05 -0.95
C LYS B 288 -11.60 -19.31 -2.22
N GLU B 289 -12.56 -18.64 -2.84
CA GLU B 289 -12.30 -17.78 -3.98
C GLU B 289 -11.40 -16.64 -3.51
N GLN B 290 -10.44 -16.25 -4.36
CA GLN B 290 -9.39 -15.29 -3.97
C GLN B 290 -9.98 -14.03 -3.34
N ASN B 291 -10.97 -13.43 -4.02
CA ASN B 291 -11.61 -12.23 -3.53
C ASN B 291 -13.07 -12.21 -3.94
N SER B 292 -13.92 -12.61 -3.00
CA SER B 292 -15.36 -12.52 -3.13
C SER B 292 -15.87 -11.75 -1.94
N PRO B 293 -17.00 -11.05 -2.09
CA PRO B 293 -17.54 -10.31 -0.95
C PRO B 293 -17.90 -11.25 0.22
N ASN B 294 -18.12 -12.53 -0.05
CA ASN B 294 -18.42 -13.53 0.98
C ASN B 294 -17.20 -14.15 1.66
N GLY B 295 -16.00 -13.70 1.30
CA GLY B 295 -14.76 -14.15 1.95
C GLY B 295 -14.62 -15.65 2.05
N LYS B 296 -14.23 -16.11 3.24
CA LYS B 296 -14.06 -17.53 3.54
C LYS B 296 -15.28 -18.41 3.27
N TRP B 297 -16.47 -17.79 3.29
CA TRP B 297 -17.75 -18.50 3.11
C TRP B 297 -18.05 -18.76 1.63
N GLN B 298 -17.21 -18.24 0.73
CA GLN B 298 -17.36 -18.54 -0.68
C GLN B 298 -16.42 -19.70 -0.98
N ILE B 299 -16.96 -20.91 -0.88
CA ILE B 299 -16.15 -22.11 -0.80
C ILE B 299 -15.83 -22.73 -2.16
N LYS B 300 -14.62 -23.23 -2.27
CA LYS B 300 -14.14 -23.92 -3.44
C LYS B 300 -13.96 -25.38 -3.04
N PRO B 301 -14.28 -26.31 -3.95
CA PRO B 301 -13.98 -27.71 -3.66
C PRO B 301 -12.50 -28.01 -3.34
N PHE B 302 -12.27 -28.99 -2.46
CA PHE B 302 -10.92 -29.42 -2.14
C PHE B 302 -10.12 -29.70 -3.38
N ASP B 303 -8.99 -29.02 -3.54
CA ASP B 303 -8.15 -29.18 -4.72
C ASP B 303 -6.74 -29.68 -4.32
N LEU B 304 -6.50 -30.97 -4.56
CA LEU B 304 -5.28 -31.61 -4.06
C LEU B 304 -4.04 -30.97 -4.61
N ILE B 305 -4.08 -30.63 -5.90
CA ILE B 305 -2.95 -30.00 -6.58
C ILE B 305 -2.59 -28.74 -5.86
N ALA B 306 -3.61 -27.91 -5.56
CA ALA B 306 -3.33 -26.62 -4.93
C ALA B 306 -2.74 -26.84 -3.54
N LEU B 307 -3.23 -27.86 -2.82
CA LEU B 307 -2.68 -28.18 -1.53
C LEU B 307 -1.20 -28.55 -1.67
N LYS B 308 -0.88 -29.39 -2.64
CA LYS B 308 0.50 -29.81 -2.84
C LYS B 308 1.43 -28.63 -3.21
N LYS B 309 1.03 -27.86 -4.22
CA LYS B 309 1.70 -26.62 -4.59
C LYS B 309 1.99 -25.72 -3.41
N THR B 310 0.96 -25.45 -2.61
CA THR B 310 1.11 -24.58 -1.45
C THR B 310 2.06 -25.13 -0.42
N MET B 311 1.81 -26.33 0.07
CA MET B 311 2.61 -26.86 1.17
C MET B 311 4.08 -27.04 0.75
N THR B 312 4.27 -27.43 -0.50
CA THR B 312 5.58 -27.62 -1.07
C THR B 312 6.33 -26.31 -1.13
N ARG B 313 5.64 -25.24 -1.52
CA ARG B 313 6.28 -23.93 -1.58
C ARG B 313 6.82 -23.57 -0.20
N TRP B 314 6.09 -23.96 0.83
CA TRP B 314 6.48 -23.67 2.19
C TRP B 314 7.58 -24.59 2.68
N GLN B 315 7.53 -25.84 2.28
CA GLN B 315 8.61 -26.79 2.60
C GLN B 315 9.98 -26.42 1.99
N THR B 316 10.00 -26.11 0.69
CA THR B 316 11.24 -25.67 0.03
C THR B 316 11.65 -24.27 0.50
N GLY B 317 10.69 -23.35 0.64
CA GLY B 317 10.98 -21.99 1.09
C GLY B 317 11.71 -21.87 2.41
N LEU B 318 11.33 -22.67 3.40
CA LEU B 318 12.01 -22.66 4.69
C LEU B 318 12.76 -23.96 4.89
N MET B 319 13.25 -24.53 3.80
CA MET B 319 13.91 -25.84 3.90
C MET B 319 15.24 -25.75 4.67
N ASN B 320 16.00 -24.69 4.43
CA ASN B 320 17.30 -24.49 5.11
C ASN B 320 17.45 -23.19 5.88
N VAL B 321 16.37 -22.43 5.98
CA VAL B 321 16.36 -21.19 6.72
C VAL B 321 15.00 -21.08 7.39
N GLY B 322 14.97 -20.62 8.63
CA GLY B 322 13.70 -20.55 9.36
C GLY B 322 13.15 -21.92 9.73
N TRP B 323 11.84 -22.00 9.99
CA TRP B 323 11.21 -23.25 10.43
C TRP B 323 9.70 -23.22 10.15
N ASN B 324 9.13 -24.36 9.80
CA ASN B 324 7.70 -24.50 9.51
C ASN B 324 6.94 -24.96 10.71
N THR B 325 5.66 -24.54 10.76
CA THR B 325 4.64 -25.18 11.58
C THR B 325 3.79 -26.06 10.65
N LEU B 326 3.32 -27.16 11.21
CA LEU B 326 2.53 -28.15 10.48
C LEU B 326 1.19 -28.33 11.18
N TYR B 327 0.13 -27.85 10.54
CA TYR B 327 -1.22 -28.00 11.08
C TYR B 327 -2.28 -28.09 9.97
N PHE B 328 -3.37 -28.78 10.28
CA PHE B 328 -4.58 -28.72 9.48
C PHE B 328 -5.77 -28.29 10.33
N GLU B 329 -5.58 -28.22 11.64
CA GLU B 329 -6.67 -27.98 12.56
C GLU B 329 -6.22 -27.05 13.70
N ASN B 330 -7.19 -26.27 14.15
CA ASN B 330 -7.09 -25.43 15.32
C ASN B 330 -8.53 -24.92 15.61
N HIS B 331 -8.62 -23.99 16.56
CA HIS B 331 -9.90 -23.44 17.00
C HIS B 331 -10.57 -22.49 16.00
N ASP B 332 -9.87 -22.18 14.92
CA ASP B 332 -10.40 -21.32 13.85
C ASP B 332 -10.73 -22.08 12.57
N GLN B 333 -10.54 -23.39 12.61
CA GLN B 333 -10.70 -24.23 11.43
C GLN B 333 -11.59 -25.41 11.73
N PRO B 334 -12.36 -25.84 10.70
CA PRO B 334 -13.19 -27.02 10.82
C PRO B 334 -12.33 -28.25 10.88
N ARG B 335 -13.00 -29.40 11.02
CA ARG B 335 -12.30 -30.67 11.11
C ARG B 335 -11.89 -31.07 9.71
N VAL B 336 -10.59 -31.29 9.51
CA VAL B 336 -10.07 -31.40 8.16
C VAL B 336 -10.73 -32.56 7.40
N ILE B 337 -11.00 -33.67 8.09
CA ILE B 337 -11.61 -34.83 7.47
C ILE B 337 -13.04 -34.58 6.93
N SER B 338 -13.80 -33.77 7.65
CA SER B 338 -15.14 -33.34 7.23
C SER B 338 -15.10 -32.33 6.08
N ARG B 339 -14.15 -31.41 6.19
CA ARG B 339 -13.94 -30.34 5.22
C ARG B 339 -13.49 -30.82 3.85
N TRP B 340 -12.44 -31.65 3.84
CA TRP B 340 -11.73 -32.04 2.60
C TRP B 340 -11.77 -33.53 2.29
N GLY B 341 -12.37 -34.33 3.15
CA GLY B 341 -12.32 -35.78 2.94
C GLY B 341 -13.59 -36.51 3.31
N ASN B 342 -13.43 -37.73 3.82
CA ASN B 342 -14.58 -38.61 4.08
C ASN B 342 -14.61 -38.77 5.56
N ASP B 343 -15.72 -38.39 6.20
CA ASP B 343 -15.86 -38.62 7.65
C ASP B 343 -16.90 -39.70 8.08
N ARG B 344 -17.25 -40.57 7.13
CA ARG B 344 -18.15 -41.67 7.41
C ARG B 344 -17.41 -42.98 7.28
N LYS B 345 -17.65 -43.76 6.23
CA LYS B 345 -17.13 -45.13 6.15
C LYS B 345 -15.61 -45.16 6.16
N LEU B 346 -14.96 -44.13 5.59
CA LEU B 346 -13.51 -44.06 5.48
C LEU B 346 -12.90 -43.04 6.46
N ARG B 347 -13.61 -42.75 7.54
CA ARG B 347 -13.18 -41.72 8.47
C ARG B 347 -11.79 -41.98 9.00
N LYS B 348 -11.55 -43.22 9.44
CA LYS B 348 -10.24 -43.55 10.08
C LYS B 348 -9.08 -43.53 9.06
N GLU B 349 -9.31 -44.12 7.89
CA GLU B 349 -8.30 -44.11 6.83
C GLU B 349 -7.92 -42.66 6.46
N CYS B 350 -8.95 -41.84 6.29
CA CYS B 350 -8.81 -40.44 5.88
C CYS B 350 -8.10 -39.62 6.96
N ALA B 351 -8.51 -39.77 8.20
CA ALA B 351 -7.82 -39.07 9.29
C ALA B 351 -6.35 -39.43 9.31
N LYS B 352 -6.07 -40.72 9.08
CA LYS B 352 -4.72 -41.20 9.12
C LYS B 352 -3.96 -40.69 7.89
N ALA B 353 -4.60 -40.70 6.72
CA ALA B 353 -4.02 -40.09 5.52
C ALA B 353 -3.51 -38.68 5.81
N PHE B 354 -4.41 -37.81 6.28
CA PHE B 354 -4.06 -36.40 6.48
C PHE B 354 -2.97 -36.24 7.55
N ALA B 355 -3.02 -37.10 8.57
CA ALA B 355 -1.98 -37.09 9.61
C ALA B 355 -0.61 -37.42 9.03
N THR B 356 -0.54 -38.41 8.13
CA THR B 356 0.72 -38.88 7.53
C THR B 356 1.34 -37.82 6.62
N VAL B 357 0.51 -37.26 5.73
CA VAL B 357 0.88 -36.12 4.91
C VAL B 357 1.53 -35.02 5.75
N LEU B 358 0.92 -34.67 6.86
CA LEU B 358 1.43 -33.60 7.70
C LEU B 358 2.69 -33.95 8.53
N HIS B 359 2.63 -35.09 9.18
CA HIS B 359 3.71 -35.50 10.06
C HIS B 359 5.00 -35.96 9.38
N GLY B 360 4.90 -36.34 8.11
CA GLY B 360 6.08 -36.70 7.31
C GLY B 360 6.87 -35.51 6.81
N MET B 361 6.37 -34.30 7.09
CA MET B 361 7.03 -33.08 6.66
C MET B 361 7.99 -32.54 7.69
N LYS B 362 8.80 -31.59 7.22
CA LYS B 362 9.73 -30.88 8.06
C LYS B 362 9.07 -29.72 8.79
N GLY B 363 9.25 -29.68 10.11
CA GLY B 363 8.68 -28.62 10.94
C GLY B 363 8.15 -29.17 12.24
N THR B 364 7.43 -28.34 12.99
CA THR B 364 6.90 -28.75 14.27
C THR B 364 5.42 -29.06 14.03
N PRO B 365 5.00 -30.32 14.27
CA PRO B 365 3.58 -30.66 14.20
C PRO B 365 2.70 -30.07 15.31
N PHE B 366 1.47 -29.76 14.95
CA PHE B 366 0.50 -29.29 15.91
C PHE B 366 -0.71 -30.19 15.82
N ILE B 367 -1.12 -30.75 16.96
CA ILE B 367 -2.32 -31.56 17.02
C ILE B 367 -3.37 -30.76 17.76
N TYR B 368 -4.51 -30.56 17.12
CA TYR B 368 -5.62 -29.86 17.76
C TYR B 368 -6.51 -30.86 18.54
N GLN B 369 -6.91 -30.52 19.76
CA GLN B 369 -7.68 -31.46 20.57
C GLN B 369 -8.79 -32.08 19.74
N GLY B 370 -8.80 -33.41 19.71
CA GLY B 370 -9.84 -34.16 19.01
C GLY B 370 -9.46 -34.56 17.62
N GLU B 371 -8.43 -33.92 17.07
CA GLU B 371 -7.87 -34.34 15.81
C GLU B 371 -7.45 -35.83 15.93
N GLU B 372 -6.88 -36.17 17.10
CA GLU B 372 -6.25 -37.45 17.30
C GLU B 372 -7.24 -38.61 17.43
N ILE B 373 -8.55 -38.31 17.58
CA ILE B 373 -9.61 -39.33 17.56
C ILE B 373 -10.59 -39.22 16.37
N GLY B 374 -10.26 -38.37 15.43
CA GLY B 374 -11.12 -38.15 14.26
C GLY B 374 -12.48 -37.48 14.57
N MET B 375 -12.49 -36.47 15.42
CA MET B 375 -13.70 -35.69 15.61
C MET B 375 -14.09 -35.07 14.26
N VAL B 376 -15.39 -34.87 14.09
CA VAL B 376 -15.93 -34.41 12.82
C VAL B 376 -16.74 -33.14 13.04
N ASN B 377 -17.16 -32.57 11.93
CA ASN B 377 -18.05 -31.42 11.93
C ASN B 377 -19.44 -31.81 12.47
N SER B 378 -20.13 -30.86 13.09
CA SER B 378 -21.48 -31.02 13.68
C SER B 378 -22.63 -30.72 12.73
N ASP B 379 -23.73 -31.47 12.84
CA ASP B 379 -24.96 -31.27 12.05
C ASP B 379 -25.95 -30.39 12.81
N MET B 380 -25.49 -29.75 13.90
CA MET B 380 -26.34 -28.83 14.64
C MET B 380 -26.97 -27.76 13.75
N PRO B 381 -28.19 -27.35 14.08
CA PRO B 381 -28.80 -26.27 13.34
C PRO B 381 -28.10 -24.93 13.56
N LEU B 382 -28.31 -24.03 12.61
CA LEU B 382 -27.69 -22.71 12.65
C LEU B 382 -27.85 -21.98 13.97
N GLU B 383 -29.02 -22.08 14.58
CA GLU B 383 -29.30 -21.34 15.81
C GLU B 383 -28.51 -21.85 17.00
N MET B 384 -27.84 -22.99 16.83
CA MET B 384 -27.08 -23.57 17.92
C MET B 384 -25.60 -23.18 17.89
N TYR B 385 -25.16 -22.48 16.83
CA TYR B 385 -23.79 -22.00 16.72
C TYR B 385 -23.62 -20.84 17.67
N ASP B 386 -22.41 -20.63 18.16
CA ASP B 386 -22.12 -19.58 19.15
C ASP B 386 -21.25 -18.41 18.63
N ASP B 387 -20.40 -18.71 17.65
CA ASP B 387 -19.35 -17.80 17.14
C ASP B 387 -19.86 -16.49 16.54
N LEU B 388 -19.39 -15.36 17.05
CA LEU B 388 -19.92 -14.06 16.63
C LEU B 388 -19.69 -13.89 15.15
N GLU B 389 -18.59 -14.45 14.67
CA GLU B 389 -18.28 -14.41 13.26
C GLU B 389 -19.45 -14.89 12.37
N ILE B 390 -20.21 -15.92 12.78
CA ILE B 390 -21.29 -16.44 11.88
C ILE B 390 -22.52 -15.54 11.95
N LYS B 391 -22.83 -14.99 13.12
CA LYS B 391 -24.01 -14.14 13.27
C LYS B 391 -23.79 -12.84 12.52
N ASN B 392 -22.57 -12.32 12.61
CA ASN B 392 -22.23 -11.08 11.89
C ASN B 392 -22.25 -11.27 10.36
N ALA B 393 -21.73 -12.39 9.91
CA ALA B 393 -21.74 -12.70 8.48
C ALA B 393 -23.16 -13.00 7.98
N TYR B 394 -23.95 -13.67 8.81
CA TYR B 394 -25.34 -13.89 8.47
C TYR B 394 -26.01 -12.55 8.15
N ARG B 395 -25.86 -11.59 9.08
CA ARG B 395 -26.46 -10.28 8.96
C ARG B 395 -26.00 -9.56 7.71
N GLU B 396 -24.69 -9.56 7.47
CA GLU B 396 -24.14 -8.83 6.32
C GLU B 396 -24.42 -9.52 4.98
N LEU B 397 -24.09 -10.81 4.90
CA LEU B 397 -24.10 -11.51 3.63
C LEU B 397 -25.49 -11.95 3.22
N VAL B 398 -26.27 -12.43 4.18
CA VAL B 398 -27.61 -12.92 3.88
C VAL B 398 -28.69 -11.85 3.96
N VAL B 399 -28.68 -11.04 5.02
CA VAL B 399 -29.79 -10.16 5.29
C VAL B 399 -29.66 -8.87 4.50
N GLU B 400 -28.56 -8.16 4.74
CA GLU B 400 -28.30 -6.83 4.16
C GLU B 400 -27.89 -6.89 2.71
N ASN B 401 -26.69 -7.41 2.43
CA ASN B 401 -26.17 -7.37 1.06
C ASN B 401 -26.81 -8.41 0.12
N LYS B 402 -27.30 -9.50 0.66
CA LYS B 402 -27.83 -10.62 -0.14
C LYS B 402 -26.85 -11.16 -1.18
N THR B 403 -25.59 -11.31 -0.78
CA THR B 403 -24.58 -11.93 -1.64
C THR B 403 -24.48 -13.44 -1.44
N MET B 404 -25.33 -13.99 -0.56
CA MET B 404 -25.50 -15.43 -0.38
C MET B 404 -26.93 -15.70 0.00
N SER B 405 -27.57 -16.66 -0.64
CA SER B 405 -28.87 -17.16 -0.15
C SER B 405 -28.67 -17.78 1.24
N GLU B 406 -29.75 -17.85 2.00
CA GLU B 406 -29.67 -18.50 3.30
C GLU B 406 -29.23 -19.96 3.22
N LYS B 407 -29.77 -20.71 2.26
CA LYS B 407 -29.41 -22.14 2.06
C LYS B 407 -27.93 -22.26 1.77
N GLU B 408 -27.40 -21.37 0.93
CA GLU B 408 -25.99 -21.42 0.63
C GLU B 408 -25.12 -21.00 1.84
N PHE B 409 -25.60 -20.04 2.63
CA PHE B 409 -24.83 -19.61 3.79
C PHE B 409 -24.75 -20.74 4.82
N VAL B 410 -25.83 -21.50 4.96
CA VAL B 410 -25.84 -22.63 5.88
C VAL B 410 -24.85 -23.74 5.44
N LYS B 411 -24.84 -24.10 4.15
CA LYS B 411 -23.89 -25.09 3.58
C LYS B 411 -22.48 -24.69 3.89
N ALA B 412 -22.19 -23.42 3.71
CA ALA B 412 -20.84 -22.93 3.96
C ALA B 412 -20.44 -23.01 5.45
N VAL B 413 -21.34 -22.64 6.36
CA VAL B 413 -21.01 -22.69 7.79
CA VAL B 413 -21.05 -22.70 7.80
C VAL B 413 -20.86 -24.14 8.24
N MET B 414 -21.62 -25.05 7.64
CA MET B 414 -21.56 -26.48 7.98
C MET B 414 -20.24 -27.13 7.56
N ILE B 415 -19.53 -26.50 6.62
CA ILE B 415 -18.17 -26.90 6.17
C ILE B 415 -17.05 -26.20 6.99
N LYS B 416 -17.19 -24.90 7.19
CA LYS B 416 -16.08 -24.08 7.65
C LYS B 416 -16.30 -23.34 8.95
N GLY B 417 -17.46 -23.40 9.56
CA GLY B 417 -17.68 -22.70 10.81
C GLY B 417 -16.67 -23.04 11.88
N ARG B 418 -16.12 -22.03 12.55
CA ARG B 418 -15.14 -22.27 13.61
C ARG B 418 -15.67 -23.19 14.74
N ASP B 419 -16.97 -23.15 14.96
CA ASP B 419 -17.57 -23.93 16.04
C ASP B 419 -17.44 -25.45 15.87
N HIS B 420 -17.21 -25.92 14.64
CA HIS B 420 -16.93 -27.32 14.42
C HIS B 420 -15.71 -27.77 15.21
N ALA B 421 -14.90 -26.82 15.68
CA ALA B 421 -13.71 -27.12 16.44
C ALA B 421 -13.90 -26.91 17.92
N ARG B 422 -15.08 -26.43 18.30
CA ARG B 422 -15.29 -25.97 19.67
C ARG B 422 -16.36 -26.75 20.41
N THR B 423 -17.02 -27.70 19.72
CA THR B 423 -17.91 -28.61 20.40
C THR B 423 -17.04 -29.45 21.34
N PRO B 424 -17.56 -29.75 22.55
CA PRO B 424 -16.69 -30.36 23.55
C PRO B 424 -15.97 -31.65 23.13
N MET B 425 -14.80 -31.80 23.74
CA MET B 425 -13.94 -32.91 23.50
C MET B 425 -14.71 -34.16 23.92
N GLN B 426 -14.64 -35.21 23.11
CA GLN B 426 -15.44 -36.40 23.32
C GLN B 426 -14.61 -37.50 24.00
N TRP B 427 -14.85 -37.69 25.29
CA TRP B 427 -14.06 -38.60 26.11
C TRP B 427 -14.56 -40.03 26.17
N ASP B 428 -15.88 -40.20 26.25
CA ASP B 428 -16.48 -41.52 26.26
C ASP B 428 -17.88 -41.43 25.62
N ALA B 429 -18.70 -42.46 25.81
CA ALA B 429 -20.00 -42.57 25.17
C ALA B 429 -21.15 -42.23 26.13
N GLY B 430 -20.81 -41.79 27.34
CA GLY B 430 -21.78 -41.40 28.31
C GLY B 430 -22.35 -40.00 28.05
N LYS B 431 -22.98 -39.45 29.07
CA LYS B 431 -23.68 -38.18 28.93
C LYS B 431 -22.70 -37.06 28.57
N HIS B 432 -23.00 -36.35 27.48
CA HIS B 432 -22.17 -35.24 26.98
C HIS B 432 -20.74 -35.70 26.68
N ALA B 433 -20.67 -36.93 26.21
CA ALA B 433 -19.44 -37.58 25.90
C ALA B 433 -18.41 -37.45 27.04
N GLY B 434 -18.89 -37.33 28.28
CA GLY B 434 -18.03 -37.32 29.47
C GLY B 434 -17.26 -36.06 29.64
N PHE B 435 -17.63 -35.04 28.88
CA PHE B 435 -16.99 -33.74 28.97
C PHE B 435 -17.49 -33.02 30.22
N THR B 436 -18.77 -33.16 30.51
CA THR B 436 -19.36 -32.44 31.64
C THR B 436 -20.45 -33.22 32.32
N ALA B 437 -20.53 -33.06 33.63
CA ALA B 437 -21.68 -33.60 34.36
C ALA B 437 -22.88 -32.67 34.32
N GLY B 438 -22.67 -31.42 33.93
CA GLY B 438 -23.74 -30.43 33.87
C GLY B 438 -24.28 -30.32 32.47
N ASP B 439 -24.40 -29.09 32.01
CA ASP B 439 -24.90 -28.81 30.67
C ASP B 439 -23.87 -28.07 29.84
N PRO B 440 -23.40 -28.66 28.74
CA PRO B 440 -22.26 -28.10 28.03
C PRO B 440 -22.54 -26.72 27.48
N TRP B 441 -21.52 -25.87 27.35
CA TRP B 441 -21.74 -24.49 26.92
C TRP B 441 -22.25 -24.48 25.49
N ILE B 442 -21.93 -25.54 24.74
CA ILE B 442 -22.41 -25.71 23.37
C ILE B 442 -22.62 -27.21 23.15
N PRO B 443 -23.57 -27.59 22.28
CA PRO B 443 -23.86 -29.03 22.32
C PRO B 443 -22.74 -29.92 21.82
N VAL B 444 -22.66 -31.12 22.40
CA VAL B 444 -21.75 -32.15 21.94
C VAL B 444 -22.22 -32.69 20.60
N ASN B 445 -21.25 -32.91 19.72
CA ASN B 445 -21.48 -33.44 18.39
C ASN B 445 -22.30 -34.69 18.52
N SER B 446 -23.31 -34.82 17.69
CA SER B 446 -24.30 -35.89 17.86
C SER B 446 -23.71 -37.28 17.65
N ARG B 447 -22.54 -37.36 17.04
CA ARG B 447 -21.91 -38.65 16.76
C ARG B 447 -21.01 -39.15 17.88
N TYR B 448 -20.95 -38.46 19.02
CA TYR B 448 -19.95 -38.75 20.07
C TYR B 448 -19.95 -40.25 20.57
N GLN B 449 -21.08 -40.95 20.48
CA GLN B 449 -21.13 -42.32 20.93
C GLN B 449 -20.20 -43.29 20.17
N ASP B 450 -19.89 -42.98 18.91
CA ASP B 450 -19.04 -43.80 18.04
C ASP B 450 -17.63 -43.19 17.85
N ILE B 451 -17.39 -42.00 18.38
CA ILE B 451 -16.13 -41.27 18.22
C ILE B 451 -15.75 -40.66 19.54
N ASN B 452 -14.85 -41.35 20.28
CA ASN B 452 -14.42 -40.84 21.58
C ASN B 452 -13.16 -41.50 22.08
N VAL B 453 -12.53 -40.91 23.10
CA VAL B 453 -11.25 -41.38 23.64
C VAL B 453 -11.34 -42.81 24.14
N LYS B 454 -12.38 -43.14 24.88
CA LYS B 454 -12.48 -44.49 25.46
C LYS B 454 -12.48 -45.58 24.40
N GLU B 455 -13.33 -45.43 23.36
CA GLU B 455 -13.41 -46.41 22.27
C GLU B 455 -12.10 -46.42 21.44
N SER B 456 -11.47 -45.26 21.34
CA SER B 456 -10.16 -45.11 20.66
C SER B 456 -9.07 -45.87 21.40
N LEU B 457 -8.98 -45.69 22.72
CA LEU B 457 -7.93 -46.36 23.49
C LEU B 457 -8.14 -47.91 23.57
N GLU B 458 -9.35 -48.36 23.22
CA GLU B 458 -9.72 -49.79 23.19
C GLU B 458 -9.56 -50.42 21.83
N ASP B 459 -9.53 -49.59 20.78
CA ASP B 459 -9.33 -50.09 19.40
C ASP B 459 -7.85 -49.91 18.93
N GLN B 460 -7.14 -51.02 18.70
CA GLN B 460 -5.75 -50.96 18.25
C GLN B 460 -5.59 -50.27 16.88
N ASP B 461 -6.64 -50.31 16.07
CA ASP B 461 -6.68 -49.71 14.74
C ASP B 461 -7.19 -48.28 14.81
N SER B 462 -7.20 -47.67 16.00
CA SER B 462 -7.73 -46.32 16.14
C SER B 462 -6.82 -45.24 15.53
N ILE B 463 -7.42 -44.09 15.27
CA ILE B 463 -6.69 -42.94 14.85
C ILE B 463 -5.74 -42.53 16.00
N PHE B 464 -6.19 -42.62 17.24
CA PHE B 464 -5.33 -42.22 18.34
C PHE B 464 -3.99 -42.95 18.23
N PHE B 465 -3.99 -44.27 18.14
CA PHE B 465 -2.73 -45.00 18.18
C PHE B 465 -1.88 -44.71 16.91
N TYR B 466 -2.55 -44.43 15.80
CA TYR B 466 -1.84 -44.00 14.62
C TYR B 466 -1.07 -42.70 14.91
N TYR B 467 -1.71 -41.74 15.54
CA TYR B 467 -1.05 -40.48 15.94
C TYR B 467 0.09 -40.74 16.92
N GLN B 468 -0.18 -41.55 17.93
CA GLN B 468 0.83 -41.93 18.90
C GLN B 468 2.07 -42.49 18.18
N LYS B 469 1.83 -43.27 17.14
CA LYS B 469 2.92 -43.93 16.45
C LYS B 469 3.70 -42.93 15.61
N LEU B 470 2.99 -41.98 15.00
CA LEU B 470 3.62 -40.94 14.21
C LEU B 470 4.53 -40.14 15.09
N ILE B 471 4.12 -39.87 16.33
CA ILE B 471 4.92 -39.12 17.28
C ILE B 471 6.13 -39.90 17.71
N GLN B 472 5.94 -41.18 18.01
CA GLN B 472 7.04 -42.08 18.34
C GLN B 472 8.11 -42.12 17.25
N LEU B 473 7.68 -42.24 16.01
CA LEU B 473 8.59 -42.32 14.88
C LEU B 473 9.44 -41.05 14.74
N ARG B 474 8.83 -39.90 15.05
CA ARG B 474 9.52 -38.64 14.93
C ARG B 474 10.63 -38.57 15.94
N LYS B 475 10.44 -39.14 17.14
CA LYS B 475 11.50 -39.21 18.13
C LYS B 475 12.58 -40.25 17.81
N GLN B 476 12.26 -41.22 16.95
CA GLN B 476 13.18 -42.36 16.67
C GLN B 476 13.98 -42.12 15.39
N TYR B 477 13.36 -41.50 14.40
CA TYR B 477 13.98 -41.28 13.10
C TYR B 477 14.27 -39.79 12.87
N LYS B 478 15.51 -39.37 13.13
CA LYS B 478 15.88 -37.97 12.93
C LYS B 478 15.64 -37.44 11.53
N ILE B 479 15.63 -38.30 10.52
CA ILE B 479 15.23 -37.88 9.16
C ILE B 479 13.88 -37.15 9.08
N MET B 480 12.94 -37.54 9.95
CA MET B 480 11.63 -36.87 9.98
C MET B 480 11.73 -35.38 10.42
N ILE B 481 12.68 -35.08 11.30
CA ILE B 481 12.90 -33.73 11.77
C ILE B 481 13.86 -32.94 10.88
N TYR B 482 14.98 -33.52 10.47
CA TYR B 482 16.04 -32.76 9.79
C TYR B 482 16.19 -33.02 8.30
N GLY B 483 15.44 -33.97 7.74
CA GLY B 483 15.57 -34.23 6.32
C GLY B 483 15.08 -33.07 5.48
N ASP B 484 15.52 -33.02 4.22
CA ASP B 484 15.04 -32.04 3.26
C ASP B 484 13.73 -32.51 2.66
N TYR B 485 13.19 -31.80 1.69
CA TYR B 485 11.88 -32.17 1.13
C TYR B 485 11.90 -32.05 -0.38
N GLN B 486 11.20 -32.95 -1.05
CA GLN B 486 11.09 -32.94 -2.50
C GLN B 486 9.77 -33.51 -2.96
N LEU B 487 8.96 -32.71 -3.65
CA LEU B 487 7.67 -33.19 -4.15
C LEU B 487 7.89 -34.15 -5.32
N LEU B 488 7.07 -35.20 -5.34
CA LEU B 488 7.03 -36.17 -6.42
C LEU B 488 5.62 -36.20 -7.02
N GLN B 489 5.50 -36.77 -8.22
CA GLN B 489 4.22 -36.94 -8.88
C GLN B 489 3.38 -35.69 -8.71
N GLU B 490 3.96 -34.53 -9.00
CA GLU B 490 3.33 -33.26 -8.59
C GLU B 490 1.98 -32.96 -9.27
N ASN B 491 1.78 -33.50 -10.48
CA ASN B 491 0.56 -33.30 -11.27
C ASN B 491 -0.61 -34.27 -10.94
N ASP B 492 -0.34 -35.24 -10.08
CA ASP B 492 -1.32 -36.24 -9.72
C ASP B 492 -2.50 -35.67 -8.90
N PRO B 493 -3.73 -35.85 -9.40
CA PRO B 493 -4.85 -35.21 -8.74
C PRO B 493 -5.35 -35.96 -7.49
N GLN B 494 -4.85 -37.18 -7.26
CA GLN B 494 -5.22 -38.00 -6.08
C GLN B 494 -4.07 -38.23 -5.10
N VAL B 495 -2.87 -38.48 -5.61
CA VAL B 495 -1.78 -38.89 -4.73
C VAL B 495 -0.87 -37.75 -4.35
N PHE B 496 -0.60 -37.67 -3.06
CA PHE B 496 0.34 -36.69 -2.54
C PHE B 496 1.55 -37.49 -2.06
N SER B 497 2.64 -37.42 -2.82
CA SER B 497 3.88 -38.12 -2.45
C SER B 497 5.06 -37.18 -2.47
N TYR B 498 5.98 -37.44 -1.55
CA TYR B 498 7.19 -36.67 -1.41
C TYR B 498 8.32 -37.46 -0.77
N LEU B 499 9.54 -36.96 -0.94
CA LEU B 499 10.72 -37.59 -0.38
C LEU B 499 11.45 -36.71 0.63
N ARG B 500 11.88 -37.29 1.74
CA ARG B 500 12.82 -36.62 2.67
C ARG B 500 14.17 -37.30 2.57
N GLU B 501 15.24 -36.54 2.64
CA GLU B 501 16.61 -37.12 2.62
C GLU B 501 17.51 -36.50 3.66
N TYR B 502 18.33 -37.36 4.26
CA TYR B 502 19.19 -36.94 5.36
C TYR B 502 20.30 -37.97 5.64
N ARG B 503 21.56 -37.56 5.51
CA ARG B 503 22.71 -38.38 5.86
C ARG B 503 22.71 -39.73 5.12
N GLY B 504 22.40 -39.71 3.83
CA GLY B 504 22.34 -40.93 3.01
C GLY B 504 21.06 -41.76 3.06
N GLU B 505 20.16 -41.40 3.98
CA GLU B 505 18.94 -42.13 4.21
C GLU B 505 17.83 -41.36 3.48
N LYS B 506 16.78 -42.07 3.06
CA LYS B 506 15.59 -41.49 2.40
C LYS B 506 14.29 -41.90 3.08
N LEU B 507 13.34 -40.97 3.21
CA LEU B 507 12.00 -41.22 3.78
C LEU B 507 10.95 -40.88 2.71
N LEU B 508 10.22 -41.88 2.24
CA LEU B 508 9.26 -41.70 1.16
C LEU B 508 7.90 -41.69 1.80
N VAL B 509 7.11 -40.65 1.52
CA VAL B 509 5.74 -40.57 2.01
C VAL B 509 4.83 -40.62 0.79
N VAL B 510 3.88 -41.57 0.77
CA VAL B 510 2.89 -41.72 -0.35
C VAL B 510 1.50 -41.76 0.27
N VAL B 511 0.67 -40.75 0.02
CA VAL B 511 -0.67 -40.72 0.57
C VAL B 511 -1.73 -40.44 -0.52
N ASN B 512 -2.74 -41.29 -0.64
CA ASN B 512 -3.83 -41.08 -1.58
C ASN B 512 -4.86 -40.26 -0.86
N LEU B 513 -5.08 -39.02 -1.25
CA LEU B 513 -6.08 -38.23 -0.55
C LEU B 513 -7.29 -38.12 -1.43
N SER B 514 -7.86 -39.27 -1.74
CA SER B 514 -9.14 -39.34 -2.41
C SER B 514 -9.83 -40.64 -1.99
N GLU B 515 -11.07 -40.79 -2.39
CA GLU B 515 -11.82 -42.02 -2.14
C GLU B 515 -11.66 -43.09 -3.20
N GLU B 516 -10.99 -42.79 -4.29
CA GLU B 516 -10.85 -43.79 -5.34
C GLU B 516 -9.45 -44.41 -5.33
N LYS B 517 -9.34 -45.63 -5.85
CA LYS B 517 -8.03 -46.27 -6.05
C LYS B 517 -7.10 -45.32 -6.82
N ALA B 518 -5.83 -45.33 -6.49
CA ALA B 518 -4.84 -44.51 -7.18
C ALA B 518 -3.55 -45.28 -7.42
N LEU B 519 -2.68 -44.78 -8.27
CA LEU B 519 -1.44 -45.49 -8.59
C LEU B 519 -0.27 -44.62 -8.23
N PHE B 520 0.60 -45.10 -7.35
CA PHE B 520 1.90 -44.44 -7.15
C PHE B 520 3.01 -45.21 -7.90
N GLU B 521 3.76 -44.52 -8.72
CA GLU B 521 4.92 -45.11 -9.37
C GLU B 521 6.13 -44.29 -9.00
N ALA B 522 7.09 -44.91 -8.34
CA ALA B 522 8.29 -44.17 -7.95
C ALA B 522 9.04 -43.65 -9.17
N PRO B 523 9.67 -42.47 -9.04
CA PRO B 523 10.51 -41.99 -10.13
C PRO B 523 11.65 -43.00 -10.38
N PRO B 524 12.12 -43.08 -11.63
CA PRO B 524 13.14 -44.01 -12.11
C PRO B 524 14.33 -44.18 -11.20
N GLU B 525 14.77 -43.09 -10.59
CA GLU B 525 15.98 -43.12 -9.77
C GLU B 525 15.78 -43.78 -8.42
N LEU B 526 14.53 -43.99 -7.98
CA LEU B 526 14.24 -44.67 -6.72
C LEU B 526 13.77 -46.09 -6.88
N ILE B 527 13.57 -46.53 -8.10
CA ILE B 527 13.04 -47.87 -8.41
C ILE B 527 13.70 -49.02 -7.59
N HIS B 528 15.00 -49.01 -7.47
CA HIS B 528 15.74 -50.11 -6.88
C HIS B 528 16.17 -49.87 -5.44
N GLU B 529 15.51 -48.93 -4.77
CA GLU B 529 15.67 -48.74 -3.34
C GLU B 529 14.97 -49.86 -2.62
N ARG B 530 15.48 -50.25 -1.47
CA ARG B 530 14.76 -51.16 -0.63
C ARG B 530 14.29 -50.39 0.56
N TRP B 531 13.07 -50.72 1.01
CA TRP B 531 12.34 -49.93 1.99
C TRP B 531 11.87 -50.81 3.16
N LYS B 532 11.86 -50.20 4.34
CA LYS B 532 11.14 -50.71 5.50
C LYS B 532 9.92 -49.80 5.73
N VAL B 533 8.70 -50.34 5.62
CA VAL B 533 7.48 -49.58 5.90
C VAL B 533 7.47 -49.23 7.41
N LEU B 534 7.46 -47.93 7.76
CA LEU B 534 7.42 -47.46 9.17
C LEU B 534 5.98 -47.35 9.72
N ILE B 535 5.03 -47.02 8.86
CA ILE B 535 3.63 -46.91 9.24
C ILE B 535 2.72 -46.91 8.00
N SER B 536 1.52 -47.41 8.18
CA SER B 536 0.55 -47.32 7.16
C SER B 536 -0.81 -47.53 7.78
N ASN B 537 -1.83 -46.97 7.14
CA ASN B 537 -3.20 -47.10 7.62
C ASN B 537 -3.88 -48.34 7.01
N TYR B 538 -3.07 -49.16 6.31
CA TYR B 538 -3.45 -50.50 5.90
C TYR B 538 -2.27 -51.45 6.21
N PRO B 539 -2.53 -52.77 6.26
CA PRO B 539 -1.43 -53.70 6.45
C PRO B 539 -0.47 -53.66 5.25
N GLN B 540 0.84 -53.71 5.48
CA GLN B 540 1.82 -53.83 4.39
C GLN B 540 2.81 -54.96 4.64
N GLU B 541 3.18 -55.68 3.58
CA GLU B 541 4.27 -56.71 3.59
C GLU B 541 5.06 -56.62 2.32
N ARG B 542 5.92 -55.63 2.26
CA ARG B 542 6.69 -55.34 1.03
C ARG B 542 7.91 -54.50 1.39
N ALA B 543 8.99 -54.72 0.63
CA ALA B 543 10.22 -53.96 0.72
C ALA B 543 10.45 -53.09 -0.56
N ASP B 544 9.82 -53.46 -1.68
CA ASP B 544 9.79 -52.67 -2.92
C ASP B 544 8.57 -51.75 -2.95
N LEU B 545 8.76 -50.45 -3.10
CA LEU B 545 7.66 -49.47 -3.19
C LEU B 545 7.71 -48.81 -4.56
N LYS B 546 8.06 -49.57 -5.59
CA LYS B 546 8.25 -48.93 -6.90
C LYS B 546 6.97 -48.73 -7.59
N SER B 547 5.94 -49.45 -7.15
CA SER B 547 4.63 -49.36 -7.77
C SER B 547 3.62 -49.77 -6.71
N ILE B 548 2.80 -48.83 -6.27
CA ILE B 548 1.80 -49.10 -5.23
C ILE B 548 0.41 -48.81 -5.77
N SER B 549 -0.44 -49.83 -5.91
CA SER B 549 -1.85 -49.59 -6.17
C SER B 549 -2.51 -49.23 -4.85
N LEU B 550 -2.86 -47.94 -4.71
CA LEU B 550 -3.32 -47.38 -3.47
C LEU B 550 -4.81 -47.54 -3.34
N LYS B 551 -5.22 -48.06 -2.18
CA LYS B 551 -6.64 -48.15 -1.86
C LYS B 551 -7.12 -46.78 -1.40
N PRO B 552 -8.44 -46.59 -1.25
CA PRO B 552 -8.95 -45.29 -0.81
C PRO B 552 -8.27 -44.79 0.48
N TYR B 553 -7.72 -43.58 0.41
CA TYR B 553 -7.07 -42.93 1.53
C TYR B 553 -5.89 -43.69 2.11
N GLU B 554 -5.24 -44.53 1.30
CA GLU B 554 -4.08 -45.32 1.76
C GLU B 554 -2.86 -44.45 1.86
N ALA B 555 -2.24 -44.52 3.03
CA ALA B 555 -1.03 -43.80 3.41
C ALA B 555 0.09 -44.78 3.68
N VAL B 556 1.26 -44.50 3.13
CA VAL B 556 2.51 -45.32 3.35
C VAL B 556 3.71 -44.39 3.62
N MET B 557 4.46 -44.67 4.68
CA MET B 557 5.67 -43.97 4.94
C MET B 557 6.74 -45.06 5.02
N GLY B 558 7.79 -44.89 4.23
CA GLY B 558 8.87 -45.87 4.16
C GLY B 558 10.24 -45.23 4.33
N ILE B 559 11.13 -45.97 4.98
CA ILE B 559 12.52 -45.54 5.12
C ILE B 559 13.45 -46.49 4.33
N SER B 560 14.40 -45.91 3.60
CA SER B 560 15.35 -46.71 2.83
C SER B 560 16.27 -47.51 3.76
N ILE B 561 16.53 -48.74 3.37
CA ILE B 561 17.42 -49.60 4.10
C ILE B 561 18.50 -50.12 3.17
#